data_4EOO
#
_entry.id   4EOO
#
_cell.length_a   74.110
_cell.length_b   134.490
_cell.length_c   148.690
_cell.angle_alpha   90.00
_cell.angle_beta   90.00
_cell.angle_gamma   90.00
#
_symmetry.space_group_name_H-M   'P 21 21 21'
#
loop_
_entity.id
_entity.type
_entity.pdbx_description
1 polymer 'Cyclin-dependent kinase 2'
2 polymer Cyclin-A2
3 non-polymer 'MAGNESIUM ION'
4 non-polymer "ADENOSINE-5'-TRIPHOSPHATE"
5 non-polymer MONOTHIOGLYCEROL
6 water water
#
loop_
_entity_poly.entity_id
_entity_poly.type
_entity_poly.pdbx_seq_one_letter_code
_entity_poly.pdbx_strand_id
1 'polypeptide(L)'
;GSMENFQKVEKIGEGTYGVVYKARNKLTGEVVALKKIRLDTETEGVPSTAIREISLLKELNHPNIVKLLDVIHTENKLYL
VFEFLHQDLKKFMDASALTGIPLPLIKSYLFQLLQGLAFCHSHRVLHRDLKPENLLINTEGAIKLADFGLARAFGVPVRT
Y(TPO)HEVVTLWYRAPEILLGCKYYSTAVDIWSLGCIFAEMVTRRALFPGDSEIDQLFRIFRTLGTPDEVVWPGVTSMP
DYKPSFPKWARQDFSKVVPPLDEDGRSLLSQMLHYDPNKRISAKAALAHPFFQDVTKPVPHLR
;
A,C
2 'polypeptide(L)'
;VPDYHEDIHTYLREMEVKCKPKVGYMKKQPDITNSMRAILVDWLVEVGEEYKLQNETLHLAVNYIDRFLSSMSVLRGKLQ
LVGTAAMLLASKFEEIYPPEVAEFVYITDDTYTKKQVLRMEHLVLKVLTFDLAAPTVNQFLTQYFLHQQPANCKVESLAM
FLGELSLIDADPYLKYLPSVIAGAAFHLALYTVTGQSWPESLIRKTGYTLESLKPCLMDLHQTYLKAPQHAQQSIREKYK
NSKYHGVSLLNPPETLNL
;
B,D
#
loop_
_chem_comp.id
_chem_comp.type
_chem_comp.name
_chem_comp.formula
ATP non-polymer ADENOSINE-5'-TRIPHOSPHATE 'C10 H16 N5 O13 P3'
MG non-polymer 'MAGNESIUM ION' 'Mg 2'
SGM non-polymer MONOTHIOGLYCEROL 'C3 H8 O2 S'
#
# COMPACT_ATOMS: atom_id res chain seq x y z
N GLY A 1 -4.22 0.25 14.13
CA GLY A 1 -3.37 0.20 15.35
C GLY A 1 -3.35 1.50 16.15
N SER A 2 -3.73 1.40 17.43
CA SER A 2 -3.75 2.56 18.34
C SER A 2 -3.66 2.14 19.81
N MET A 3 -3.34 3.10 20.69
CA MET A 3 -2.91 2.80 22.06
C MET A 3 -3.93 2.12 23.00
N GLU A 4 -5.22 2.20 22.67
CA GLU A 4 -6.26 1.56 23.48
C GLU A 4 -6.15 0.04 23.50
N ASN A 5 -5.78 -0.55 22.35
CA ASN A 5 -5.64 -2.01 22.22
C ASN A 5 -4.48 -2.61 23.00
N PHE A 6 -3.54 -1.77 23.46
CA PHE A 6 -2.36 -2.24 24.16
C PHE A 6 -2.42 -2.03 25.67
N GLN A 7 -1.99 -3.04 26.42
CA GLN A 7 -1.95 -3.00 27.87
C GLN A 7 -0.49 -3.14 28.29
N LYS A 8 0.08 -2.06 28.84
CA LYS A 8 1.45 -2.09 29.35
C LYS A 8 1.59 -3.13 30.45
N VAL A 9 2.72 -3.86 30.42
CA VAL A 9 2.97 -4.94 31.35
C VAL A 9 4.07 -4.55 32.34
N GLU A 10 5.24 -4.21 31.81
CA GLU A 10 6.40 -3.81 32.59
C GLU A 10 7.38 -3.05 31.71
N LYS A 11 8.27 -2.28 32.34
CA LYS A 11 9.34 -1.61 31.63
C LYS A 11 10.50 -2.60 31.38
N ILE A 12 11.03 -2.59 30.16
CA ILE A 12 12.03 -3.58 29.75
C ILE A 12 13.27 -2.95 29.14
N GLY A 13 13.36 -1.62 29.22
CA GLY A 13 14.49 -0.93 28.64
C GLY A 13 14.41 0.57 28.81
N GLU A 14 15.58 1.20 28.87
CA GLU A 14 15.72 2.64 28.94
C GLU A 14 16.50 3.08 27.73
N GLY A 15 15.92 4.00 26.98
CA GLY A 15 16.58 4.53 25.80
C GLY A 15 16.98 5.97 26.02
N THR A 16 16.76 6.77 24.98
CA THR A 16 17.17 8.16 24.98
C THR A 16 15.99 9.09 24.69
N TYR A 17 14.89 8.51 24.20
CA TYR A 17 13.70 9.29 23.84
C TYR A 17 12.35 8.97 24.54
N GLY A 18 12.22 7.83 25.21
CA GLY A 18 13.24 6.79 25.33
C GLY A 18 12.94 5.75 26.39
N VAL A 19 11.71 5.27 26.43
CA VAL A 19 11.34 4.20 27.37
C VAL A 19 10.68 3.04 26.63
N VAL A 20 11.29 1.86 26.73
CA VAL A 20 10.74 0.66 26.09
C VAL A 20 9.92 -0.17 27.08
N TYR A 21 8.67 -0.42 26.73
CA TYR A 21 7.72 -1.16 27.56
C TYR A 21 7.28 -2.46 26.90
N LYS A 22 7.16 -3.52 27.69
CA LYS A 22 6.48 -4.72 27.24
C LYS A 22 4.98 -4.45 27.32
N ALA A 23 4.25 -4.84 26.28
CA ALA A 23 2.80 -4.66 26.26
C ALA A 23 2.08 -5.84 25.59
N ARG A 24 0.80 -5.96 25.88
CA ARG A 24 -0.06 -7.01 25.34
C ARG A 24 -1.13 -6.39 24.46
N ASN A 25 -1.30 -6.92 23.26
CA ASN A 25 -2.45 -6.56 22.43
C ASN A 25 -3.70 -7.26 22.98
N LYS A 26 -4.64 -6.46 23.48
CA LYS A 26 -5.83 -6.98 24.17
C LYS A 26 -6.76 -7.81 23.29
N LEU A 27 -6.75 -7.55 21.99
CA LEU A 27 -7.64 -8.22 21.06
C LEU A 27 -7.03 -9.48 20.44
N THR A 28 -5.74 -9.40 20.08
CA THR A 28 -5.06 -10.52 19.42
C THR A 28 -4.25 -11.38 20.38
N GLY A 29 -3.88 -10.81 21.53
CA GLY A 29 -3.01 -11.49 22.47
C GLY A 29 -1.53 -11.27 22.21
N GLU A 30 -1.19 -10.66 21.08
CA GLU A 30 0.21 -10.45 20.72
C GLU A 30 0.97 -9.59 21.74
N VAL A 31 2.10 -10.12 22.19
CA VAL A 31 3.02 -9.43 23.10
C VAL A 31 3.96 -8.58 22.26
N VAL A 32 4.09 -7.31 22.62
CA VAL A 32 4.89 -6.36 21.86
C VAL A 32 5.83 -5.55 22.75
N ALA A 33 6.87 -4.97 22.15
CA ALA A 33 7.66 -3.93 22.78
C ALA A 33 7.24 -2.56 22.25
N LEU A 34 6.91 -1.65 23.17
CA LEU A 34 6.55 -0.29 22.80
C LEU A 34 7.71 0.66 23.06
N LYS A 35 8.27 1.21 21.99
CA LYS A 35 9.33 2.19 22.10
C LYS A 35 8.70 3.56 21.91
N LYS A 36 8.73 4.35 22.99
CA LYS A 36 8.17 5.69 23.01
C LYS A 36 9.24 6.69 22.60
N ILE A 37 8.87 7.61 21.73
CA ILE A 37 9.78 8.69 21.32
C ILE A 37 9.11 10.03 21.60
N ARG A 38 9.70 10.78 22.54
CA ARG A 38 9.20 12.10 22.96
C ARG A 38 9.33 13.16 21.86
N LEU A 39 8.27 13.95 21.68
CA LEU A 39 8.26 15.03 20.70
C LEU A 39 7.87 16.37 21.33
N GLU A 44 12.67 21.02 17.85
CA GLU A 44 13.45 20.55 16.70
C GLU A 44 12.74 19.45 15.91
N GLY A 45 11.53 19.10 16.35
CA GLY A 45 10.65 18.18 15.63
C GLY A 45 10.97 16.71 15.85
N VAL A 46 10.62 15.89 14.88
CA VAL A 46 10.93 14.45 14.94
C VAL A 46 12.45 14.26 14.85
N PRO A 47 13.05 13.57 15.83
CA PRO A 47 14.50 13.37 15.85
C PRO A 47 14.97 12.58 14.63
N SER A 48 16.15 12.93 14.13
CA SER A 48 16.75 12.28 12.96
C SER A 48 16.96 10.79 13.17
N THR A 49 17.32 10.41 14.40
CA THR A 49 17.49 9.01 14.76
C THR A 49 16.20 8.18 14.59
N ALA A 50 15.06 8.75 14.97
CA ALA A 50 13.77 8.08 14.78
C ALA A 50 13.36 8.05 13.32
N ILE A 51 13.60 9.16 12.62
CA ILE A 51 13.32 9.23 11.19
C ILE A 51 14.02 8.10 10.42
N ARG A 52 15.30 7.89 10.71
CA ARG A 52 16.09 6.85 10.07
C ARG A 52 15.69 5.46 10.54
N GLU A 53 15.55 5.31 11.86
CA GLU A 53 15.19 4.02 12.45
C GLU A 53 13.89 3.49 11.84
N ILE A 54 12.87 4.34 11.79
CA ILE A 54 11.56 3.94 11.24
C ILE A 54 11.61 3.68 9.73
N SER A 55 12.15 4.61 8.95
CA SER A 55 12.23 4.42 7.49
C SER A 55 13.02 3.15 7.11
N LEU A 56 14.14 2.92 7.78
CA LEU A 56 14.97 1.75 7.48
C LEU A 56 14.34 0.44 7.94
N LEU A 57 13.73 0.46 9.12
CA LEU A 57 13.08 -0.72 9.66
C LEU A 57 11.90 -1.18 8.82
N LYS A 58 11.22 -0.22 8.20
CA LYS A 58 10.06 -0.53 7.38
C LYS A 58 10.45 -1.30 6.12
N GLU A 59 11.65 -1.03 5.62
CA GLU A 59 12.20 -1.75 4.46
C GLU A 59 12.80 -3.11 4.82
N LEU A 60 13.21 -3.30 6.06
CA LEU A 60 13.93 -4.52 6.40
C LEU A 60 13.03 -5.61 6.99
N ASN A 61 12.55 -6.50 6.14
N ASN A 61 12.55 -6.51 6.13
CA ASN A 61 11.84 -7.68 6.62
CA ASN A 61 11.81 -7.69 6.57
C ASN A 61 12.62 -8.97 6.45
C ASN A 61 12.64 -8.97 6.43
N HIS A 62 13.11 -9.48 7.57
CA HIS A 62 14.00 -10.64 7.61
C HIS A 62 13.81 -11.32 8.95
N PRO A 63 13.88 -12.66 9.01
CA PRO A 63 13.70 -13.35 10.30
C PRO A 63 14.75 -13.03 11.36
N ASN A 64 15.89 -12.44 10.97
CA ASN A 64 16.93 -12.11 11.96
C ASN A 64 17.10 -10.60 12.14
N ILE A 65 16.05 -9.86 11.80
CA ILE A 65 15.99 -8.43 12.08
C ILE A 65 14.69 -8.17 12.83
N VAL A 66 14.77 -7.42 13.92
CA VAL A 66 13.58 -7.13 14.71
C VAL A 66 12.45 -6.51 13.88
N LYS A 67 11.23 -6.99 14.09
CA LYS A 67 10.09 -6.56 13.30
C LYS A 67 9.43 -5.31 13.87
N LEU A 68 9.39 -4.25 13.07
CA LEU A 68 8.61 -3.06 13.39
C LEU A 68 7.20 -3.30 12.87
N LEU A 69 6.26 -3.50 13.78
CA LEU A 69 4.87 -3.83 13.43
C LEU A 69 4.02 -2.63 13.03
N ASP A 70 4.21 -1.51 13.71
CA ASP A 70 3.33 -0.35 13.55
C ASP A 70 3.98 0.90 14.12
N VAL A 71 3.52 2.05 13.63
CA VAL A 71 3.98 3.33 14.12
C VAL A 71 2.73 4.12 14.54
N ILE A 72 2.68 4.50 15.82
CA ILE A 72 1.55 5.25 16.34
C ILE A 72 1.99 6.69 16.56
N HIS A 73 1.43 7.55 15.71
CA HIS A 73 2.02 8.83 15.39
C HIS A 73 1.00 9.89 15.62
N THR A 74 1.08 10.50 16.80
CA THR A 74 0.08 11.47 17.24
C THR A 74 0.70 12.87 17.36
N GLU A 75 0.10 13.70 18.24
CA GLU A 75 0.47 15.10 18.39
C GLU A 75 1.81 15.33 19.11
N ASN A 76 1.99 14.69 20.26
CA ASN A 76 3.17 14.88 21.09
C ASN A 76 3.97 13.61 21.31
N LYS A 77 3.42 12.49 20.87
CA LYS A 77 4.08 11.21 21.06
C LYS A 77 4.13 10.33 19.82
N LEU A 78 5.29 9.67 19.67
CA LEU A 78 5.52 8.71 18.62
C LEU A 78 5.76 7.39 19.32
N TYR A 79 4.95 6.38 19.00
CA TYR A 79 5.11 5.04 19.55
C TYR A 79 5.49 4.05 18.46
N LEU A 80 6.65 3.41 18.62
CA LEU A 80 7.08 2.34 17.73
C LEU A 80 6.74 0.99 18.33
N VAL A 81 5.91 0.23 17.61
CA VAL A 81 5.47 -1.10 18.04
C VAL A 81 6.34 -2.18 17.41
N PHE A 82 7.09 -2.89 18.25
CA PHE A 82 7.97 -3.97 17.79
C PHE A 82 7.48 -5.34 18.27
N GLU A 83 7.81 -6.40 17.55
CA GLU A 83 7.68 -7.75 18.09
C GLU A 83 8.51 -7.85 19.39
N PHE A 84 7.95 -8.54 20.38
CA PHE A 84 8.63 -8.70 21.66
C PHE A 84 9.56 -9.91 21.62
N LEU A 85 10.84 -9.69 21.95
CA LEU A 85 11.75 -10.81 22.18
C LEU A 85 12.13 -10.86 23.66
N HIS A 86 12.23 -12.07 24.20
N HIS A 86 12.25 -12.07 24.21
CA HIS A 86 12.32 -12.27 25.64
CA HIS A 86 12.29 -12.25 25.66
C HIS A 86 13.47 -11.56 26.30
C HIS A 86 13.53 -11.77 26.39
N GLN A 87 14.63 -11.59 25.67
CA GLN A 87 15.87 -11.11 26.28
C GLN A 87 16.88 -10.58 25.25
N ASP A 88 17.80 -9.72 25.69
CA ASP A 88 18.94 -9.39 24.86
C ASP A 88 20.16 -10.24 25.20
N LEU A 89 21.08 -10.36 24.24
CA LEU A 89 22.26 -11.20 24.38
C LEU A 89 23.16 -10.85 25.56
N LYS A 90 23.26 -9.56 25.88
CA LYS A 90 24.04 -9.08 27.03
C LYS A 90 23.55 -9.66 28.36
N LYS A 91 22.23 -9.62 28.60
CA LYS A 91 21.66 -10.20 29.82
C LYS A 91 21.78 -11.72 29.83
N PHE A 92 21.61 -12.34 28.67
CA PHE A 92 21.71 -13.78 28.53
C PHE A 92 23.09 -14.27 28.94
N MET A 93 24.13 -13.58 28.47
CA MET A 93 25.51 -13.93 28.80
C MET A 93 25.80 -13.80 30.31
N ASP A 94 25.21 -12.78 30.93
CA ASP A 94 25.27 -12.57 32.38
C ASP A 94 24.64 -13.72 33.17
N ALA A 95 23.48 -14.19 32.73
CA ALA A 95 22.80 -15.34 33.36
C ALA A 95 23.53 -16.67 33.20
N SER A 96 24.37 -16.79 32.17
CA SER A 96 25.19 -17.99 31.95
C SER A 96 26.60 -17.79 32.51
N ALA A 97 26.76 -16.79 33.38
CA ALA A 97 28.06 -16.36 33.91
C ALA A 97 29.06 -17.50 34.09
N LEU A 98 28.77 -18.38 35.05
CA LEU A 98 29.54 -19.60 35.25
C LEU A 98 29.11 -20.65 34.22
N THR A 99 30.07 -21.47 33.80
CA THR A 99 29.82 -22.68 32.99
C THR A 99 29.27 -22.50 31.55
N GLY A 100 29.30 -21.26 31.06
CA GLY A 100 29.24 -20.97 29.63
C GLY A 100 28.03 -21.27 28.76
N ILE A 101 28.15 -20.82 27.50
CA ILE A 101 27.15 -20.99 26.44
C ILE A 101 27.67 -22.03 25.44
N PRO A 102 26.88 -23.08 25.15
CA PRO A 102 27.38 -24.15 24.29
C PRO A 102 27.80 -23.67 22.90
N LEU A 103 28.92 -24.19 22.42
CA LEU A 103 29.42 -23.92 21.06
C LEU A 103 28.35 -24.00 19.96
N PRO A 104 27.48 -25.05 19.98
CA PRO A 104 26.42 -25.13 18.97
C PRO A 104 25.47 -23.94 18.98
N LEU A 105 25.18 -23.39 20.16
CA LEU A 105 24.34 -22.18 20.25
C LEU A 105 25.06 -20.95 19.70
N ILE A 106 26.32 -20.77 20.08
CA ILE A 106 27.16 -19.67 19.60
C ILE A 106 27.22 -19.69 18.07
N LYS A 107 27.49 -20.86 17.52
CA LYS A 107 27.57 -21.07 16.06
C LYS A 107 26.25 -20.67 15.40
N SER A 108 25.13 -21.13 15.98
CA SER A 108 23.79 -20.83 15.50
C SER A 108 23.48 -19.34 15.53
N TYR A 109 23.76 -18.72 16.67
CA TYR A 109 23.60 -17.29 16.83
C TYR A 109 24.45 -16.53 15.81
N LEU A 110 25.73 -16.89 15.68
CA LEU A 110 26.58 -16.19 14.72
C LEU A 110 26.05 -16.38 13.30
N PHE A 111 25.56 -17.57 12.99
CA PHE A 111 25.08 -17.87 11.64
C PHE A 111 23.86 -17.00 11.33
N GLN A 112 22.95 -16.90 12.29
CA GLN A 112 21.77 -16.04 12.21
C GLN A 112 22.10 -14.55 12.12
N LEU A 113 23.04 -14.08 12.93
CA LEU A 113 23.49 -12.68 12.89
C LEU A 113 24.05 -12.31 11.52
N LEU A 114 24.91 -13.17 10.97
CA LEU A 114 25.46 -12.98 9.63
C LEU A 114 24.39 -12.92 8.54
N GLN A 115 23.34 -13.73 8.70
CA GLN A 115 22.17 -13.68 7.82
C GLN A 115 21.50 -12.31 7.88
N GLY A 116 21.18 -11.85 9.09
CA GLY A 116 20.57 -10.54 9.32
C GLY A 116 21.39 -9.40 8.77
N LEU A 117 22.70 -9.46 9.00
CA LEU A 117 23.60 -8.40 8.57
C LEU A 117 23.77 -8.36 7.04
N ALA A 118 23.87 -9.54 6.41
CA ALA A 118 24.01 -9.61 4.97
C ALA A 118 22.79 -9.03 4.29
N PHE A 119 21.61 -9.32 4.84
CA PHE A 119 20.36 -8.71 4.39
C PHE A 119 20.46 -7.19 4.51
N CYS A 120 20.83 -6.67 5.67
CA CYS A 120 21.05 -5.21 5.84
C CYS A 120 21.96 -4.67 4.76
N HIS A 121 23.14 -5.27 4.61
CA HIS A 121 24.13 -4.76 3.67
C HIS A 121 23.65 -4.81 2.24
N SER A 122 22.88 -5.86 1.90
CA SER A 122 22.26 -6.03 0.58
C SER A 122 21.21 -5.00 0.25
N HIS A 123 20.65 -4.38 1.28
CA HIS A 123 19.66 -3.32 1.15
C HIS A 123 20.23 -1.98 1.53
N ARG A 124 21.53 -1.83 1.30
CA ARG A 124 22.30 -0.62 1.53
C ARG A 124 22.09 0.03 2.92
N VAL A 125 22.02 -0.80 3.97
CA VAL A 125 21.92 -0.28 5.34
C VAL A 125 23.13 -0.69 6.17
N LEU A 126 23.80 0.32 6.74
CA LEU A 126 24.83 0.09 7.76
C LEU A 126 24.17 0.16 9.11
N HIS A 127 24.47 -0.77 10.01
CA HIS A 127 23.86 -0.78 11.34
C HIS A 127 24.58 0.17 12.29
N ARG A 128 25.89 -0.02 12.44
CA ARG A 128 26.79 0.93 13.12
C ARG A 128 26.65 0.97 14.65
N ASP A 129 25.92 0.02 15.22
CA ASP A 129 25.96 -0.15 16.68
C ASP A 129 25.69 -1.60 17.12
N LEU A 130 26.35 -2.53 16.44
CA LEU A 130 26.25 -3.93 16.83
C LEU A 130 27.01 -4.14 18.14
N LYS A 131 26.30 -4.65 19.14
CA LYS A 131 26.84 -5.01 20.43
C LYS A 131 25.79 -5.91 21.09
N PRO A 132 26.18 -6.67 22.13
CA PRO A 132 25.25 -7.67 22.70
C PRO A 132 23.93 -7.13 23.25
N GLU A 133 23.92 -5.92 23.81
CA GLU A 133 22.67 -5.25 24.24
C GLU A 133 21.64 -5.08 23.13
N ASN A 134 22.11 -4.94 21.90
CA ASN A 134 21.28 -4.62 20.74
C ASN A 134 20.88 -5.84 19.89
N LEU A 135 21.16 -7.02 20.42
CA LEU A 135 20.82 -8.26 19.75
C LEU A 135 19.79 -8.95 20.64
N LEU A 136 18.69 -9.40 20.08
CA LEU A 136 17.60 -9.91 20.89
C LEU A 136 17.37 -11.38 20.61
N ILE A 137 17.11 -12.14 21.67
CA ILE A 137 16.93 -13.58 21.56
C ILE A 137 15.55 -13.97 22.07
N ASN A 138 14.94 -14.97 21.43
CA ASN A 138 13.67 -15.52 21.92
C ASN A 138 13.85 -16.96 22.47
N THR A 139 12.76 -17.59 22.89
CA THR A 139 12.87 -18.93 23.48
C THR A 139 13.02 -20.03 22.42
N GLU A 140 12.75 -19.71 21.16
CA GLU A 140 12.84 -20.71 20.09
C GLU A 140 14.22 -20.85 19.43
N GLY A 141 15.21 -20.12 19.94
CA GLY A 141 16.56 -20.19 19.40
C GLY A 141 16.88 -19.14 18.35
N ALA A 142 15.99 -18.19 18.15
CA ALA A 142 16.25 -17.09 17.22
C ALA A 142 17.01 -15.95 17.89
N ILE A 143 17.85 -15.29 17.11
CA ILE A 143 18.48 -14.04 17.52
C ILE A 143 18.30 -13.03 16.39
N LYS A 144 18.11 -11.76 16.75
CA LYS A 144 17.74 -10.75 15.78
C LYS A 144 18.52 -9.47 16.04
N LEU A 145 18.91 -8.78 14.96
CA LEU A 145 19.48 -7.44 15.08
C LEU A 145 18.38 -6.48 15.52
N ALA A 146 18.72 -5.62 16.47
CA ALA A 146 17.80 -4.59 16.95
C ALA A 146 18.54 -3.28 17.11
N ASP A 147 17.81 -2.27 17.58
CA ASP A 147 18.32 -0.91 17.73
C ASP A 147 18.99 -0.30 16.49
N PHE A 148 18.17 0.08 15.52
CA PHE A 148 18.63 0.72 14.29
C PHE A 148 18.70 2.24 14.45
N GLY A 149 18.82 2.69 15.70
CA GLY A 149 18.93 4.12 16.00
C GLY A 149 20.21 4.80 15.51
N LEU A 150 21.24 4.02 15.19
CA LEU A 150 22.44 4.60 14.60
C LEU A 150 22.65 4.20 13.16
N ALA A 151 21.64 3.58 12.56
CA ALA A 151 21.78 3.01 11.24
C ALA A 151 21.79 4.12 10.21
N ARG A 152 22.31 3.82 9.03
CA ARG A 152 22.08 4.71 7.88
C ARG A 152 22.11 4.01 6.53
N ALA A 153 21.36 4.57 5.59
CA ALA A 153 21.32 4.13 4.21
C ALA A 153 22.61 4.62 3.54
N PHE A 154 23.41 3.70 3.02
CA PHE A 154 24.66 4.11 2.39
C PHE A 154 24.56 4.13 0.87
N GLY A 155 25.55 4.73 0.22
CA GLY A 155 25.56 4.83 -1.23
C GLY A 155 26.70 3.99 -1.77
N VAL A 156 26.68 3.74 -3.09
CA VAL A 156 27.73 2.99 -3.76
C VAL A 156 28.38 3.91 -4.81
N PRO A 157 29.68 4.25 -4.63
CA PRO A 157 30.46 3.97 -3.44
C PRO A 157 30.06 4.90 -2.28
N VAL A 158 30.51 4.58 -1.08
CA VAL A 158 30.18 5.39 0.09
C VAL A 158 30.83 6.75 0.00
N ARG A 159 30.24 7.75 0.64
CA ARG A 159 30.97 8.97 0.93
C ARG A 159 31.22 9.01 2.44
N THR A 160 31.74 10.14 2.93
CA THR A 160 32.06 10.31 4.34
C THR A 160 30.77 10.41 5.16
N TYR A 161 30.66 9.54 6.16
CA TYR A 161 29.51 9.55 7.07
C TYR A 161 29.95 9.96 8.48
N TPO A 162 29.02 9.89 9.43
CA TPO A 162 29.26 10.37 10.79
CB TPO A 162 28.03 10.17 11.68
CG2 TPO A 162 28.30 10.69 13.09
OG1 TPO A 162 26.92 10.87 11.11
P TPO A 162 25.70 10.11 10.39
O1P TPO A 162 24.87 11.24 9.83
O2P TPO A 162 26.35 9.26 9.32
O3P TPO A 162 25.01 9.33 11.48
C TPO A 162 30.45 9.62 11.33
O TPO A 162 30.57 8.40 11.17
N HIS A 163 31.36 10.38 11.95
CA HIS A 163 32.55 9.82 12.55
C HIS A 163 32.27 9.11 13.87
N GLU A 164 31.40 9.68 14.68
CA GLU A 164 31.20 9.22 16.05
C GLU A 164 30.23 8.04 16.07
N VAL A 165 30.71 6.87 15.65
CA VAL A 165 29.85 5.72 15.46
C VAL A 165 30.45 4.46 16.07
N VAL A 166 29.55 3.56 16.46
CA VAL A 166 29.87 2.28 17.06
C VAL A 166 30.40 2.52 18.48
N THR A 167 29.79 1.88 19.46
CA THR A 167 30.33 2.01 20.81
C THR A 167 31.75 1.42 20.86
N LEU A 168 32.58 2.05 21.67
CA LEU A 168 34.05 1.89 21.62
C LEU A 168 34.58 0.46 21.52
N TRP A 169 34.08 -0.43 22.36
CA TRP A 169 34.61 -1.81 22.43
C TRP A 169 34.51 -2.57 21.14
N TYR A 170 33.55 -2.19 20.30
CA TYR A 170 33.19 -2.94 19.09
C TYR A 170 33.48 -2.13 17.83
N ARG A 171 34.23 -1.04 18.01
CA ARG A 171 34.54 -0.08 16.96
C ARG A 171 35.74 -0.51 16.16
N ALA A 172 35.60 -0.47 14.83
CA ALA A 172 36.64 -0.94 13.90
C ALA A 172 37.82 0.03 13.83
N PRO A 173 39.01 -0.50 13.47
CA PRO A 173 40.24 0.29 13.41
C PRO A 173 40.25 1.39 12.37
N GLU A 174 39.50 1.25 11.27
CA GLU A 174 39.42 2.32 10.29
C GLU A 174 38.67 3.55 10.82
N ILE A 175 37.76 3.35 11.77
CA ILE A 175 37.05 4.44 12.44
C ILE A 175 38.01 5.10 13.44
N LEU A 176 38.59 4.27 14.32
CA LEU A 176 39.60 4.74 15.28
C LEU A 176 40.78 5.50 14.66
N LEU A 177 41.18 5.12 13.45
CA LEU A 177 42.33 5.77 12.80
C LEU A 177 41.89 6.93 11.92
N GLY A 178 40.58 7.16 11.84
CA GLY A 178 40.00 8.34 11.19
C GLY A 178 39.89 8.34 9.67
N CYS A 179 39.73 7.16 9.05
CA CYS A 179 39.56 7.06 7.60
C CYS A 179 38.36 7.87 7.13
N LYS A 180 38.51 8.60 6.02
CA LYS A 180 37.38 9.37 5.49
C LYS A 180 36.23 8.49 5.01
N TYR A 181 36.52 7.22 4.72
CA TYR A 181 35.50 6.32 4.20
C TYR A 181 35.46 5.05 5.01
N TYR A 182 34.30 4.71 5.55
CA TYR A 182 34.12 3.40 6.11
C TYR A 182 32.85 2.81 5.50
N SER A 183 32.71 1.49 5.56
CA SER A 183 31.57 0.86 4.93
C SER A 183 31.25 -0.42 5.67
N THR A 184 30.53 -1.30 4.99
CA THR A 184 29.98 -2.50 5.60
C THR A 184 30.93 -3.26 6.52
N ALA A 185 32.23 -3.21 6.22
CA ALA A 185 33.26 -3.89 7.01
C ALA A 185 33.22 -3.53 8.51
N VAL A 186 32.77 -2.33 8.86
CA VAL A 186 32.67 -1.94 10.29
C VAL A 186 31.68 -2.82 11.08
N ASP A 187 30.60 -3.25 10.43
CA ASP A 187 29.61 -4.11 11.10
C ASP A 187 30.16 -5.52 11.30
N ILE A 188 30.95 -5.98 10.34
CA ILE A 188 31.64 -7.27 10.46
C ILE A 188 32.66 -7.31 11.64
N TRP A 189 33.45 -6.24 11.80
CA TRP A 189 34.38 -6.10 12.94
C TRP A 189 33.62 -6.28 14.23
N SER A 190 32.52 -5.54 14.39
CA SER A 190 31.69 -5.62 15.60
C SER A 190 31.21 -7.04 15.85
N LEU A 191 30.72 -7.70 14.82
CA LEU A 191 30.30 -9.11 14.91
C LEU A 191 31.43 -10.07 15.30
N GLY A 192 32.64 -9.81 14.82
CA GLY A 192 33.81 -10.59 15.21
C GLY A 192 34.11 -10.45 16.71
N CYS A 193 34.01 -9.21 17.21
CA CYS A 193 34.17 -8.93 18.64
C CYS A 193 33.12 -9.64 19.48
N ILE A 194 31.90 -9.71 18.93
CA ILE A 194 30.78 -10.37 19.64
C ILE A 194 30.94 -11.89 19.62
N PHE A 195 31.38 -12.43 18.49
CA PHE A 195 31.71 -13.85 18.37
C PHE A 195 32.71 -14.22 19.47
N ALA A 196 33.83 -13.50 19.54
CA ALA A 196 34.86 -13.74 20.57
C ALA A 196 34.28 -13.66 21.97
N GLU A 197 33.44 -12.65 22.21
CA GLU A 197 32.79 -12.43 23.50
C GLU A 197 31.87 -13.57 23.92
N MET A 198 31.13 -14.13 22.98
CA MET A 198 30.28 -15.29 23.28
C MET A 198 31.11 -16.52 23.68
N VAL A 199 32.29 -16.65 23.09
CA VAL A 199 33.14 -17.81 23.39
C VAL A 199 33.84 -17.67 24.74
N THR A 200 34.50 -16.53 24.96
CA THR A 200 35.31 -16.27 26.17
C THR A 200 34.49 -15.69 27.31
N ARG A 201 33.28 -15.25 27.00
CA ARG A 201 32.38 -14.54 27.92
C ARG A 201 32.95 -13.27 28.58
N ARG A 202 33.88 -12.63 27.88
CA ARG A 202 34.35 -11.31 28.25
C ARG A 202 34.64 -10.56 26.96
N ALA A 203 34.55 -9.23 27.02
CA ALA A 203 34.75 -8.40 25.85
C ALA A 203 36.17 -8.61 25.32
N LEU A 204 36.30 -8.64 24.02
CA LEU A 204 37.60 -8.84 23.39
C LEU A 204 38.52 -7.64 23.58
N PHE A 205 38.02 -6.44 23.31
CA PHE A 205 38.82 -5.24 23.35
C PHE A 205 38.11 -4.19 24.23
N PRO A 206 38.20 -4.34 25.57
CA PRO A 206 37.42 -3.38 26.37
C PRO A 206 38.19 -2.09 26.77
N GLY A 207 38.56 -1.26 25.80
CA GLY A 207 39.28 -0.01 26.09
C GLY A 207 38.40 1.03 26.78
N ASP A 208 39.03 2.03 27.41
N ASP A 208 39.02 2.05 27.39
CA ASP A 208 38.28 3.14 28.03
CA ASP A 208 38.30 3.14 28.03
C ASP A 208 38.49 4.48 27.32
C ASP A 208 38.42 4.46 27.27
N SER A 209 39.23 4.45 26.22
CA SER A 209 39.48 5.65 25.40
C SER A 209 39.87 5.18 24.00
N GLU A 210 39.91 6.08 23.03
CA GLU A 210 40.25 5.69 21.66
C GLU A 210 41.67 5.09 21.55
N ILE A 211 42.65 5.72 22.20
CA ILE A 211 44.03 5.26 22.12
C ILE A 211 44.18 3.90 22.83
N ASP A 212 43.53 3.78 23.98
CA ASP A 212 43.49 2.55 24.75
C ASP A 212 42.88 1.41 23.93
N GLN A 213 41.80 1.71 23.22
CA GLN A 213 41.14 0.77 22.31
C GLN A 213 42.08 0.28 21.20
N LEU A 214 42.75 1.21 20.52
CA LEU A 214 43.72 0.87 19.47
C LEU A 214 44.83 -0.03 20.01
N PHE A 215 45.41 0.36 21.15
CA PHE A 215 46.52 -0.41 21.72
C PHE A 215 46.10 -1.83 22.11
N ARG A 216 44.89 -2.01 22.62
CA ARG A 216 44.37 -3.35 22.93
C ARG A 216 44.23 -4.21 21.67
N ILE A 217 43.72 -3.61 20.60
CA ILE A 217 43.64 -4.28 19.31
C ILE A 217 45.06 -4.67 18.83
N PHE A 218 45.97 -3.71 18.84
CA PHE A 218 47.35 -3.94 18.41
C PHE A 218 48.06 -5.08 19.16
N ARG A 219 47.82 -5.20 20.46
CA ARG A 219 48.47 -6.27 21.28
C ARG A 219 47.96 -7.65 20.96
N THR A 220 46.76 -7.73 20.39
CA THR A 220 46.13 -8.99 20.02
C THR A 220 46.41 -9.34 18.55
N LEU A 221 46.26 -8.36 17.66
CA LEU A 221 46.38 -8.63 16.23
C LEU A 221 47.71 -8.20 15.63
N GLY A 222 48.55 -7.56 16.44
CA GLY A 222 49.81 -6.99 15.97
C GLY A 222 49.59 -5.56 15.52
N THR A 223 50.61 -4.73 15.67
CA THR A 223 50.52 -3.37 15.18
C THR A 223 50.52 -3.40 13.65
N PRO A 224 49.49 -2.81 13.01
CA PRO A 224 49.44 -2.88 11.54
C PRO A 224 50.52 -2.05 10.86
N ASP A 225 51.11 -2.63 9.83
CA ASP A 225 52.07 -1.94 8.96
C ASP A 225 51.55 -1.94 7.51
N GLU A 226 52.32 -1.33 6.61
CA GLU A 226 51.97 -1.28 5.20
C GLU A 226 51.79 -2.65 4.55
N VAL A 227 52.53 -3.66 5.02
CA VAL A 227 52.39 -5.03 4.52
C VAL A 227 50.98 -5.58 4.75
N VAL A 228 50.58 -5.63 6.02
CA VAL A 228 49.26 -6.17 6.38
C VAL A 228 48.09 -5.27 5.93
N TRP A 229 48.33 -3.95 5.85
CA TRP A 229 47.26 -2.97 5.61
C TRP A 229 47.77 -1.79 4.82
N PRO A 230 47.78 -1.89 3.47
CA PRO A 230 48.30 -0.78 2.65
C PRO A 230 47.55 0.53 2.90
N GLY A 231 48.29 1.63 3.03
CA GLY A 231 47.70 2.93 3.33
C GLY A 231 47.61 3.32 4.81
N VAL A 232 47.74 2.36 5.72
CA VAL A 232 47.52 2.59 7.15
C VAL A 232 48.36 3.76 7.75
N THR A 233 49.61 3.89 7.32
CA THR A 233 50.54 4.88 7.88
C THR A 233 50.26 6.30 7.35
N SER A 234 49.38 6.39 6.35
CA SER A 234 48.95 7.69 5.82
C SER A 234 47.64 8.15 6.44
N MET A 235 47.04 7.33 7.29
CA MET A 235 45.74 7.62 7.88
C MET A 235 45.81 8.75 8.91
N PRO A 236 44.76 9.61 8.98
CA PRO A 236 44.79 10.81 9.82
C PRO A 236 45.29 10.59 11.26
N ASP A 237 44.82 9.54 11.94
CA ASP A 237 45.15 9.38 13.36
C ASP A 237 46.19 8.31 13.62
N TYR A 238 46.89 7.91 12.56
CA TYR A 238 48.01 7.01 12.70
C TYR A 238 49.21 7.80 13.22
N LYS A 239 49.95 7.22 14.14
CA LYS A 239 51.15 7.88 14.66
C LYS A 239 52.34 6.95 14.49
N PRO A 240 53.46 7.45 13.94
CA PRO A 240 54.65 6.60 13.87
C PRO A 240 55.18 6.17 15.24
N SER A 241 54.79 6.88 16.31
CA SER A 241 55.17 6.51 17.66
C SER A 241 54.47 5.25 18.19
N PHE A 242 53.36 4.84 17.57
CA PHE A 242 52.65 3.61 17.97
C PHE A 242 53.64 2.51 18.32
N PRO A 243 53.51 1.91 19.52
CA PRO A 243 54.32 0.73 19.86
C PRO A 243 54.08 -0.39 18.85
N LYS A 244 55.11 -1.16 18.54
CA LYS A 244 55.01 -2.22 17.52
C LYS A 244 54.94 -3.64 18.08
N TRP A 245 53.74 -4.08 18.45
CA TRP A 245 53.54 -5.40 19.06
C TRP A 245 53.45 -6.45 18.01
N ALA A 246 53.94 -7.64 18.32
CA ALA A 246 53.83 -8.78 17.42
C ALA A 246 52.39 -9.32 17.47
N ARG A 247 51.91 -9.81 16.33
CA ARG A 247 50.61 -10.46 16.30
C ARG A 247 50.69 -11.75 17.11
N GLN A 248 49.64 -12.04 17.87
CA GLN A 248 49.69 -13.29 18.60
C GLN A 248 48.93 -14.44 17.95
N ASP A 249 49.41 -15.64 18.27
CA ASP A 249 48.81 -16.91 17.89
C ASP A 249 47.33 -16.90 18.27
N PHE A 250 46.47 -17.12 17.28
CA PHE A 250 45.03 -17.00 17.44
C PHE A 250 44.42 -18.04 18.38
N SER A 251 45.09 -19.18 18.49
CA SER A 251 44.68 -20.21 19.45
C SER A 251 44.77 -19.69 20.89
N LYS A 252 45.52 -18.62 21.10
CA LYS A 252 45.64 -17.99 22.42
C LYS A 252 44.64 -16.85 22.59
N VAL A 253 44.10 -16.32 21.49
CA VAL A 253 43.11 -15.26 21.56
C VAL A 253 41.77 -15.80 22.10
N VAL A 254 41.30 -16.89 21.53
CA VAL A 254 40.07 -17.54 21.99
C VAL A 254 40.37 -19.04 22.09
N PRO A 255 41.01 -19.45 23.21
CA PRO A 255 41.46 -20.84 23.37
C PRO A 255 40.43 -21.95 23.12
N PRO A 256 39.15 -21.77 23.57
CA PRO A 256 38.21 -22.88 23.34
C PRO A 256 37.84 -23.09 21.87
N LEU A 257 38.24 -22.17 20.99
CA LEU A 257 37.78 -22.20 19.60
C LEU A 257 38.65 -23.14 18.76
N ASP A 258 38.02 -23.98 17.96
CA ASP A 258 38.79 -24.88 17.11
C ASP A 258 39.19 -24.24 15.76
N GLU A 259 39.84 -25.01 14.89
CA GLU A 259 40.49 -24.47 13.69
C GLU A 259 39.58 -23.67 12.72
N ASP A 260 38.37 -24.16 12.47
CA ASP A 260 37.43 -23.47 11.59
C ASP A 260 36.94 -22.15 12.21
N GLY A 261 36.61 -22.18 13.49
CA GLY A 261 36.20 -20.98 14.24
C GLY A 261 37.29 -19.91 14.28
N ARG A 262 38.53 -20.33 14.52
CA ARG A 262 39.66 -19.41 14.50
C ARG A 262 39.83 -18.80 13.11
N SER A 263 39.72 -19.64 12.09
CA SER A 263 39.81 -19.16 10.71
C SER A 263 38.78 -18.06 10.44
N LEU A 264 37.52 -18.32 10.77
CA LEU A 264 36.45 -17.32 10.57
C LEU A 264 36.68 -16.02 11.35
N LEU A 265 37.02 -16.15 12.63
CA LEU A 265 37.32 -14.97 13.48
C LEU A 265 38.44 -14.13 12.89
N SER A 266 39.53 -14.77 12.47
CA SER A 266 40.64 -14.01 11.85
C SER A 266 40.18 -13.27 10.60
N GLN A 267 39.26 -13.84 9.84
CA GLN A 267 38.78 -13.15 8.63
C GLN A 267 37.84 -11.98 8.97
N MET A 268 37.07 -12.09 10.05
CA MET A 268 36.22 -11.01 10.52
C MET A 268 37.00 -9.86 11.16
N LEU A 269 38.21 -10.14 11.65
CA LEU A 269 39.06 -9.13 12.32
C LEU A 269 40.29 -8.72 11.50
N HIS A 270 40.24 -8.98 10.20
CA HIS A 270 41.27 -8.51 9.30
C HIS A 270 41.36 -7.01 9.39
N TYR A 271 42.57 -6.47 9.44
CA TYR A 271 42.75 -5.01 9.49
C TYR A 271 42.21 -4.27 8.26
N ASP A 272 42.57 -4.76 7.08
CA ASP A 272 42.22 -4.10 5.83
C ASP A 272 40.73 -4.34 5.57
N PRO A 273 39.89 -3.28 5.60
CA PRO A 273 38.45 -3.42 5.37
C PRO A 273 38.14 -4.12 4.04
N ASN A 274 38.98 -3.91 3.02
CA ASN A 274 38.84 -4.61 1.74
C ASN A 274 38.96 -6.11 1.84
N LYS A 275 39.88 -6.58 2.68
CA LYS A 275 40.11 -8.00 2.83
C LYS A 275 39.22 -8.64 3.91
N ARG A 276 38.67 -7.83 4.81
CA ARG A 276 37.78 -8.34 5.84
C ARG A 276 36.60 -9.03 5.17
N ILE A 277 36.26 -10.23 5.67
CA ILE A 277 35.19 -11.03 5.04
C ILE A 277 33.82 -10.32 5.06
N SER A 278 33.03 -10.48 4.00
CA SER A 278 31.64 -10.00 4.01
C SER A 278 30.74 -10.96 4.77
N ALA A 279 29.61 -10.47 5.29
CA ALA A 279 28.59 -11.31 5.91
C ALA A 279 28.13 -12.44 4.96
N LYS A 280 27.91 -12.07 3.71
CA LYS A 280 27.49 -13.00 2.66
C LYS A 280 28.51 -14.14 2.48
N ALA A 281 29.78 -13.80 2.26
CA ALA A 281 30.82 -14.84 2.12
C ALA A 281 30.99 -15.70 3.38
N ALA A 282 30.81 -15.10 4.55
CA ALA A 282 31.01 -15.80 5.81
C ALA A 282 29.98 -16.89 6.03
N LEU A 283 28.79 -16.74 5.46
CA LEU A 283 27.77 -17.78 5.59
C LEU A 283 28.23 -19.12 5.03
N ALA A 284 29.13 -19.10 4.04
CA ALA A 284 29.66 -20.31 3.44
C ALA A 284 30.96 -20.82 4.09
N HIS A 285 31.32 -20.29 5.26
CA HIS A 285 32.53 -20.75 5.95
C HIS A 285 32.33 -22.14 6.53
N PRO A 286 33.37 -23.00 6.45
CA PRO A 286 33.31 -24.38 6.98
C PRO A 286 32.92 -24.48 8.46
N PHE A 287 33.12 -23.40 9.21
CA PHE A 287 32.69 -23.34 10.61
C PHE A 287 31.22 -23.71 10.75
N PHE A 288 30.43 -23.42 9.71
CA PHE A 288 28.99 -23.60 9.77
C PHE A 288 28.48 -24.89 9.12
N GLN A 289 29.40 -25.78 8.74
CA GLN A 289 29.01 -27.04 8.06
C GLN A 289 27.99 -27.87 8.86
N ASP A 290 28.17 -27.90 10.18
CA ASP A 290 27.29 -28.62 11.09
C ASP A 290 26.26 -27.75 11.85
N VAL A 291 26.00 -26.54 11.37
CA VAL A 291 25.14 -25.60 12.12
C VAL A 291 23.71 -26.13 12.27
N THR A 292 23.17 -26.02 13.48
CA THR A 292 21.76 -26.31 13.75
C THR A 292 21.15 -25.10 14.44
N LYS A 293 19.96 -25.28 15.03
CA LYS A 293 19.32 -24.20 15.77
C LYS A 293 18.90 -24.65 17.19
N PRO A 294 19.87 -24.76 18.12
CA PRO A 294 19.51 -25.15 19.48
C PRO A 294 18.67 -24.08 20.16
N VAL A 295 17.80 -24.49 21.08
CA VAL A 295 17.04 -23.51 21.87
C VAL A 295 17.95 -22.97 22.97
N PRO A 296 17.76 -21.69 23.38
CA PRO A 296 18.64 -21.21 24.44
C PRO A 296 18.38 -22.00 25.72
N HIS A 297 19.46 -22.45 26.33
CA HIS A 297 19.41 -23.39 27.45
C HIS A 297 18.90 -22.75 28.71
N LEU A 298 18.42 -21.52 28.60
CA LEU A 298 18.00 -20.74 29.76
C LEU A 298 16.74 -19.92 29.49
N ARG A 299 16.42 -19.05 30.45
CA ARG A 299 15.23 -18.20 30.41
C ARG A 299 15.59 -16.79 30.87
N VAL B 1 32.41 -5.32 -7.36
CA VAL B 1 33.55 -4.66 -6.65
C VAL B 1 33.51 -5.06 -5.16
N PRO B 2 32.79 -4.32 -4.28
CA PRO B 2 32.39 -5.09 -3.12
C PRO B 2 31.43 -6.23 -3.49
N ASP B 3 31.11 -7.05 -2.49
CA ASP B 3 29.86 -7.75 -2.51
C ASP B 3 28.81 -6.62 -2.45
N TYR B 4 27.56 -6.99 -2.63
CA TYR B 4 26.45 -6.07 -2.46
C TYR B 4 26.28 -5.03 -3.54
N HIS B 5 27.25 -4.80 -4.43
CA HIS B 5 27.05 -3.80 -5.49
C HIS B 5 25.89 -4.21 -6.38
N GLU B 6 25.89 -5.45 -6.85
CA GLU B 6 24.78 -6.01 -7.67
C GLU B 6 23.47 -6.09 -6.88
N ASP B 7 23.51 -6.60 -5.65
CA ASP B 7 22.32 -6.71 -4.80
C ASP B 7 21.68 -5.34 -4.55
N ILE B 8 22.54 -4.34 -4.30
CA ILE B 8 22.10 -2.98 -4.02
C ILE B 8 21.45 -2.35 -5.25
N HIS B 9 22.10 -2.43 -6.41
CA HIS B 9 21.54 -1.92 -7.67
C HIS B 9 20.19 -2.53 -7.98
N THR B 10 20.07 -3.84 -7.80
CA THR B 10 18.83 -4.56 -8.01
C THR B 10 17.74 -4.06 -7.05
N TYR B 11 18.11 -3.87 -5.79
CA TYR B 11 17.16 -3.38 -4.83
C TYR B 11 16.70 -1.95 -5.14
N LEU B 12 17.63 -1.09 -5.56
CA LEU B 12 17.28 0.30 -5.88
C LEU B 12 16.34 0.35 -7.09
N ARG B 13 16.54 -0.57 -8.03
CA ARG B 13 15.67 -0.69 -9.20
C ARG B 13 14.24 -1.10 -8.83
N GLU B 14 14.09 -1.99 -7.85
CA GLU B 14 12.79 -2.33 -7.27
C GLU B 14 12.15 -1.13 -6.56
N MET B 15 12.91 -0.49 -5.67
CA MET B 15 12.39 0.64 -4.89
C MET B 15 12.07 1.89 -5.70
N GLU B 16 12.80 2.14 -6.79
CA GLU B 16 12.49 3.32 -7.61
C GLU B 16 11.09 3.27 -8.24
N VAL B 17 10.60 2.07 -8.57
CA VAL B 17 9.22 1.90 -9.06
C VAL B 17 8.21 2.18 -7.95
N LYS B 18 8.50 1.69 -6.74
CA LYS B 18 7.64 1.92 -5.58
C LYS B 18 7.61 3.36 -5.05
N CYS B 19 8.69 4.13 -5.26
CA CYS B 19 8.81 5.48 -4.70
C CYS B 19 8.46 6.58 -5.71
N LYS B 20 8.10 6.14 -6.92
CA LYS B 20 7.81 7.03 -8.03
C LYS B 20 6.54 7.85 -7.77
N PRO B 21 6.62 9.18 -7.94
CA PRO B 21 5.39 9.97 -7.86
C PRO B 21 4.49 9.72 -9.08
N LYS B 22 3.22 10.15 -8.98
CA LYS B 22 2.25 10.05 -10.05
C LYS B 22 2.62 10.97 -11.20
N VAL B 23 2.79 10.41 -12.38
CA VAL B 23 3.21 11.16 -13.58
C VAL B 23 2.39 12.44 -13.80
N GLY B 24 1.07 12.32 -13.75
CA GLY B 24 0.22 13.46 -14.11
C GLY B 24 -0.40 14.26 -12.98
N TYR B 25 0.28 14.33 -11.83
CA TYR B 25 -0.36 14.94 -10.66
C TYR B 25 -0.67 16.43 -10.80
N MET B 26 0.15 17.13 -11.59
CA MET B 26 0.01 18.58 -11.73
C MET B 26 -1.33 18.99 -12.35
N LYS B 27 -1.82 18.16 -13.27
CA LYS B 27 -3.14 18.38 -13.89
C LYS B 27 -4.26 18.36 -12.84
N LYS B 28 -4.10 17.52 -11.82
CA LYS B 28 -5.09 17.41 -10.75
C LYS B 28 -4.90 18.46 -9.65
N GLN B 29 -3.79 19.20 -9.71
CA GLN B 29 -3.55 20.27 -8.75
C GLN B 29 -4.27 21.53 -9.22
N PRO B 30 -5.27 22.01 -8.46
CA PRO B 30 -6.06 23.16 -8.92
C PRO B 30 -5.33 24.50 -8.88
N ASP B 31 -4.47 24.71 -7.88
CA ASP B 31 -3.86 26.02 -7.65
C ASP B 31 -2.36 26.16 -7.97
N ILE B 32 -1.65 25.05 -8.17
CA ILE B 32 -0.22 25.13 -8.51
C ILE B 32 0.11 24.57 -9.89
N THR B 33 1.22 25.05 -10.45
CA THR B 33 1.66 24.70 -11.81
C THR B 33 3.10 24.17 -11.85
N ASN B 34 3.44 23.51 -12.96
CA ASN B 34 4.81 23.06 -13.25
C ASN B 34 5.81 24.19 -13.07
N SER B 35 5.42 25.38 -13.54
CA SER B 35 6.20 26.61 -13.39
C SER B 35 6.47 27.00 -11.93
N MET B 36 5.44 26.95 -11.09
CA MET B 36 5.62 27.21 -9.66
C MET B 36 6.51 26.15 -9.00
N ARG B 37 6.38 24.90 -9.45
CA ARG B 37 7.24 23.81 -8.97
C ARG B 37 8.70 24.07 -9.32
N ALA B 38 8.93 24.56 -10.54
CA ALA B 38 10.28 24.93 -11.00
C ALA B 38 10.91 26.01 -10.13
N ILE B 39 10.10 26.99 -9.72
CA ILE B 39 10.55 28.05 -8.83
C ILE B 39 10.89 27.51 -7.43
N LEU B 40 10.10 26.56 -6.94
CA LEU B 40 10.38 25.94 -5.65
C LEU B 40 11.68 25.16 -5.68
N VAL B 41 11.85 24.30 -6.70
CA VAL B 41 13.05 23.46 -6.77
C VAL B 41 14.32 24.29 -6.93
N ASP B 42 14.21 25.38 -7.69
CA ASP B 42 15.32 26.29 -7.93
C ASP B 42 15.73 26.95 -6.61
N TRP B 43 14.73 27.37 -5.84
CA TRP B 43 14.97 27.92 -4.50
C TRP B 43 15.66 26.93 -3.57
N LEU B 44 15.22 25.67 -3.61
CA LEU B 44 15.84 24.59 -2.85
C LEU B 44 17.31 24.41 -3.22
N VAL B 45 17.61 24.51 -4.52
CA VAL B 45 19.01 24.49 -4.97
C VAL B 45 19.80 25.59 -4.26
N GLU B 46 19.26 26.80 -4.20
CA GLU B 46 19.89 27.91 -3.47
C GLU B 46 20.08 27.62 -2.00
N VAL B 47 19.04 27.08 -1.36
CA VAL B 47 19.11 26.68 0.05
C VAL B 47 20.25 25.68 0.26
N GLY B 48 20.32 24.68 -0.61
CA GLY B 48 21.38 23.69 -0.60
C GLY B 48 22.76 24.32 -0.70
N GLU B 49 22.88 25.34 -1.55
CA GLU B 49 24.12 26.13 -1.67
C GLU B 49 24.47 26.88 -0.40
N GLU B 50 23.48 27.60 0.16
CA GLU B 50 23.67 28.43 1.34
C GLU B 50 24.14 27.63 2.57
N TYR B 51 23.60 26.44 2.74
CA TYR B 51 23.96 25.61 3.90
C TYR B 51 24.94 24.49 3.56
N LYS B 52 25.42 24.48 2.32
CA LYS B 52 26.40 23.48 1.85
C LYS B 52 25.91 22.04 2.06
N LEU B 53 24.66 21.80 1.66
CA LEU B 53 24.03 20.46 1.76
C LEU B 53 24.49 19.55 0.63
N GLN B 54 24.45 18.24 0.87
CA GLN B 54 24.75 17.26 -0.18
C GLN B 54 23.74 17.35 -1.33
N ASN B 55 24.18 17.02 -2.54
CA ASN B 55 23.27 16.95 -3.68
C ASN B 55 22.18 15.89 -3.47
N GLU B 56 22.55 14.81 -2.80
CA GLU B 56 21.61 13.76 -2.44
C GLU B 56 20.42 14.31 -1.62
N THR B 57 20.71 15.18 -0.66
CA THR B 57 19.69 15.84 0.16
C THR B 57 18.66 16.59 -0.69
N LEU B 58 19.16 17.32 -1.68
CA LEU B 58 18.32 17.97 -2.70
C LEU B 58 17.42 17.00 -3.46
N HIS B 59 18.00 15.91 -3.96
CA HIS B 59 17.25 14.92 -4.74
C HIS B 59 16.18 14.27 -3.90
N LEU B 60 16.50 13.99 -2.64
CA LEU B 60 15.54 13.41 -1.70
C LEU B 60 14.37 14.34 -1.44
N ALA B 61 14.68 15.61 -1.18
CA ALA B 61 13.66 16.60 -0.89
C ALA B 61 12.65 16.73 -2.02
N VAL B 62 13.13 16.74 -3.26
CA VAL B 62 12.30 16.83 -4.45
C VAL B 62 11.43 15.58 -4.61
N ASN B 63 12.01 14.41 -4.34
CA ASN B 63 11.23 13.18 -4.31
C ASN B 63 10.08 13.25 -3.29
N TYR B 64 10.35 13.78 -2.09
CA TYR B 64 9.31 13.90 -1.06
C TYR B 64 8.18 14.84 -1.48
N ILE B 65 8.55 15.96 -2.12
CA ILE B 65 7.60 16.97 -2.59
C ILE B 65 6.68 16.38 -3.66
N ASP B 66 7.29 15.77 -4.68
CA ASP B 66 6.52 15.16 -5.77
C ASP B 66 5.57 14.05 -5.30
N ARG B 67 6.01 13.27 -4.29
CA ARG B 67 5.16 12.22 -3.75
C ARG B 67 4.02 12.81 -2.91
N PHE B 68 4.33 13.83 -2.12
CA PHE B 68 3.36 14.54 -1.29
C PHE B 68 2.25 15.13 -2.18
N LEU B 69 2.67 15.85 -3.22
CA LEU B 69 1.76 16.50 -4.16
C LEU B 69 1.01 15.51 -5.06
N SER B 70 1.44 14.25 -5.06
CA SER B 70 0.75 13.20 -5.81
C SER B 70 -0.60 12.85 -5.17
N SER B 71 -0.78 13.21 -3.90
CA SER B 71 -2.03 12.89 -3.18
C SER B 71 -2.63 14.06 -2.39
N MET B 72 -1.87 15.14 -2.20
CA MET B 72 -2.34 16.28 -1.43
C MET B 72 -2.42 17.55 -2.29
N SER B 73 -3.64 18.05 -2.51
CA SER B 73 -3.82 19.37 -3.11
C SER B 73 -3.24 20.42 -2.19
N VAL B 74 -2.56 21.40 -2.76
CA VAL B 74 -1.87 22.43 -1.99
C VAL B 74 -2.09 23.79 -2.66
N LEU B 75 -2.36 24.80 -1.85
CA LEU B 75 -2.49 26.17 -2.38
C LEU B 75 -1.11 26.80 -2.63
N ARG B 76 -1.04 27.68 -3.63
CA ARG B 76 0.23 28.27 -4.06
C ARG B 76 1.00 28.96 -2.92
N GLY B 77 0.26 29.58 -1.99
CA GLY B 77 0.87 30.20 -0.81
C GLY B 77 1.39 29.22 0.21
N LYS B 78 1.18 27.93 -0.02
CA LYS B 78 1.63 26.89 0.89
C LYS B 78 2.72 25.97 0.30
N LEU B 79 2.97 26.11 -0.99
CA LEU B 79 3.95 25.26 -1.67
C LEU B 79 5.33 25.33 -0.99
N GLN B 80 5.76 26.55 -0.66
CA GLN B 80 7.07 26.75 -0.05
C GLN B 80 7.19 26.08 1.31
N LEU B 81 6.09 26.05 2.05
CA LEU B 81 6.05 25.36 3.35
C LEU B 81 6.25 23.85 3.19
N VAL B 82 5.58 23.25 2.21
CA VAL B 82 5.77 21.85 1.84
C VAL B 82 7.25 21.60 1.50
N GLY B 83 7.80 22.46 0.65
CA GLY B 83 9.21 22.42 0.28
C GLY B 83 10.18 22.54 1.45
N THR B 84 9.88 23.43 2.39
CA THR B 84 10.75 23.66 3.53
C THR B 84 10.77 22.45 4.47
N ALA B 85 9.59 21.89 4.76
CA ALA B 85 9.49 20.67 5.57
C ALA B 85 10.19 19.50 4.88
N ALA B 86 10.10 19.46 3.56
CA ALA B 86 10.71 18.35 2.81
C ALA B 86 12.24 18.42 2.88
N MET B 87 12.77 19.64 2.80
CA MET B 87 14.22 19.85 2.86
C MET B 87 14.74 19.58 4.26
N LEU B 88 13.93 19.91 5.26
CA LEU B 88 14.22 19.59 6.65
C LEU B 88 14.29 18.08 6.87
N LEU B 89 13.30 17.35 6.36
CA LEU B 89 13.26 15.90 6.43
C LEU B 89 14.43 15.26 5.68
N ALA B 90 14.68 15.71 4.46
CA ALA B 90 15.84 15.22 3.70
C ALA B 90 17.15 15.40 4.47
N SER B 91 17.30 16.55 5.13
CA SER B 91 18.51 16.90 5.87
C SER B 91 18.73 16.00 7.05
N LYS B 92 17.67 15.77 7.84
CA LYS B 92 17.76 14.86 8.98
C LYS B 92 18.07 13.45 8.53
N PHE B 93 17.46 13.00 7.42
CA PHE B 93 17.75 11.67 6.88
C PHE B 93 19.22 11.57 6.42
N GLU B 94 19.65 12.53 5.61
CA GLU B 94 20.89 12.39 4.84
C GLU B 94 22.17 13.08 5.38
N GLU B 95 22.02 14.21 6.08
CA GLU B 95 23.16 15.04 6.50
C GLU B 95 23.76 14.62 7.83
N ILE B 96 25.10 14.62 7.88
CA ILE B 96 25.84 14.45 9.14
C ILE B 96 25.45 15.55 10.13
N TYR B 97 25.46 16.80 9.68
CA TYR B 97 25.04 17.96 10.51
C TYR B 97 23.92 18.73 9.79
N PRO B 98 22.65 18.33 9.99
CA PRO B 98 21.64 19.09 9.27
C PRO B 98 21.51 20.51 9.86
N PRO B 99 21.04 21.48 9.06
CA PRO B 99 20.76 22.77 9.66
C PRO B 99 19.64 22.67 10.69
N GLU B 100 19.67 23.53 11.69
CA GLU B 100 18.64 23.59 12.72
C GLU B 100 17.33 24.07 12.12
N VAL B 101 16.22 23.74 12.79
CA VAL B 101 14.89 24.13 12.32
C VAL B 101 14.77 25.65 12.17
N ALA B 102 15.28 26.40 13.15
CA ALA B 102 15.30 27.87 13.10
C ALA B 102 15.90 28.40 11.82
N GLU B 103 16.92 27.71 11.30
CA GLU B 103 17.56 28.10 10.05
C GLU B 103 16.66 27.91 8.83
N PHE B 104 15.82 26.88 8.86
CA PHE B 104 14.82 26.64 7.82
C PHE B 104 13.68 27.67 7.88
N VAL B 105 13.33 28.10 9.09
CA VAL B 105 12.36 29.19 9.26
C VAL B 105 12.94 30.49 8.70
N TYR B 106 14.23 30.70 8.93
CA TYR B 106 14.93 31.89 8.46
C TYR B 106 14.92 32.05 6.94
N ILE B 107 15.30 31.00 6.21
CA ILE B 107 15.38 31.07 4.74
C ILE B 107 14.04 31.20 4.01
N THR B 108 12.93 31.14 4.73
CA THR B 108 11.61 31.40 4.14
C THR B 108 11.17 32.88 4.25
N ASP B 109 12.11 33.78 4.57
CA ASP B 109 11.83 35.23 4.73
C ASP B 109 10.66 35.53 5.68
N ASP B 110 10.64 34.82 6.81
CA ASP B 110 9.54 34.88 7.78
C ASP B 110 8.12 34.64 7.23
N THR B 111 8.04 34.00 6.06
CA THR B 111 6.73 33.65 5.48
C THR B 111 5.93 32.76 6.43
N TYR B 112 6.62 31.85 7.12
CA TYR B 112 5.98 30.89 8.01
C TYR B 112 6.60 30.89 9.39
N THR B 113 5.87 30.40 10.38
CA THR B 113 6.41 30.27 11.73
C THR B 113 7.06 28.91 11.95
N LYS B 114 7.84 28.81 13.02
CA LYS B 114 8.46 27.56 13.42
C LYS B 114 7.43 26.44 13.59
N LYS B 115 6.35 26.73 14.32
CA LYS B 115 5.29 25.74 14.54
C LYS B 115 4.67 25.22 13.24
N GLN B 116 4.59 26.06 12.22
CA GLN B 116 4.06 25.66 10.92
C GLN B 116 4.99 24.66 10.23
N VAL B 117 6.27 24.93 10.29
CA VAL B 117 7.29 24.04 9.72
C VAL B 117 7.25 22.67 10.40
N LEU B 118 7.18 22.68 11.73
CA LEU B 118 7.14 21.45 12.52
C LEU B 118 5.86 20.64 12.30
N ARG B 119 4.72 21.32 12.17
CA ARG B 119 3.45 20.65 11.89
C ARG B 119 3.43 20.10 10.47
N MET B 120 4.07 20.81 9.55
CA MET B 120 4.13 20.34 8.16
C MET B 120 5.08 19.16 8.06
N GLU B 121 6.14 19.16 8.86
CA GLU B 121 7.07 18.02 8.91
C GLU B 121 6.28 16.75 9.27
N HIS B 122 5.53 16.81 10.36
CA HIS B 122 4.63 15.74 10.81
C HIS B 122 3.70 15.28 9.72
N LEU B 123 3.03 16.22 9.05
CA LEU B 123 2.08 15.86 7.99
C LEU B 123 2.79 15.18 6.82
N VAL B 124 3.95 15.69 6.43
CA VAL B 124 4.70 15.08 5.31
C VAL B 124 5.03 13.61 5.65
N LEU B 125 5.51 13.37 6.87
CA LEU B 125 5.79 12.03 7.36
C LEU B 125 4.59 11.08 7.33
N LYS B 126 3.42 11.59 7.73
CA LYS B 126 2.18 10.82 7.68
C LYS B 126 1.85 10.44 6.25
N VAL B 127 1.89 11.43 5.36
CA VAL B 127 1.53 11.23 3.97
C VAL B 127 2.48 10.26 3.26
N LEU B 128 3.77 10.32 3.62
CA LEU B 128 4.78 9.44 3.03
C LEU B 128 4.91 8.14 3.83
N THR B 129 4.11 8.00 4.87
CA THR B 129 4.20 6.93 5.88
C THR B 129 5.64 6.62 6.28
N PHE B 130 6.42 7.67 6.51
CA PHE B 130 7.80 7.54 7.00
C PHE B 130 8.72 6.79 6.03
N ASP B 131 8.34 6.73 4.75
CA ASP B 131 9.14 6.00 3.77
C ASP B 131 10.06 6.97 3.05
N LEU B 132 11.21 7.23 3.66
CA LEU B 132 12.08 8.32 3.23
C LEU B 132 13.34 7.87 2.48
N ALA B 133 13.58 6.57 2.45
CA ALA B 133 14.81 6.06 1.85
C ALA B 133 14.64 5.78 0.36
N ALA B 134 14.42 6.85 -0.40
CA ALA B 134 14.07 6.73 -1.80
C ALA B 134 15.30 6.79 -2.69
N PRO B 135 15.34 5.95 -3.74
CA PRO B 135 16.38 6.06 -4.77
C PRO B 135 16.30 7.37 -5.53
N THR B 136 17.46 7.92 -5.87
CA THR B 136 17.56 9.19 -6.58
C THR B 136 18.43 8.99 -7.81
N VAL B 137 18.36 9.95 -8.73
CA VAL B 137 19.24 9.99 -9.89
C VAL B 137 20.69 9.92 -9.41
N ASN B 138 20.99 10.72 -8.39
CA ASN B 138 22.31 10.78 -7.79
C ASN B 138 22.84 9.40 -7.36
N GLN B 139 22.01 8.59 -6.70
CA GLN B 139 22.42 7.26 -6.26
C GLN B 139 22.73 6.31 -7.42
N PHE B 140 22.04 6.48 -8.53
CA PHE B 140 22.37 5.71 -9.73
C PHE B 140 23.64 6.19 -10.40
N LEU B 141 23.82 7.51 -10.48
CA LEU B 141 25.01 8.06 -11.13
C LEU B 141 26.30 7.59 -10.47
N THR B 142 26.36 7.60 -9.13
CA THR B 142 27.61 7.22 -8.46
C THR B 142 27.96 5.77 -8.75
N GLN B 143 26.95 4.92 -8.96
CA GLN B 143 27.20 3.52 -9.35
C GLN B 143 27.71 3.43 -10.78
N TYR B 144 27.14 4.23 -11.67
CA TYR B 144 27.52 4.23 -13.09
C TYR B 144 28.94 4.76 -13.28
N PHE B 145 29.33 5.72 -12.45
CA PHE B 145 30.66 6.34 -12.50
C PHE B 145 31.78 5.30 -12.36
N LEU B 146 31.50 4.21 -11.66
CA LEU B 146 32.50 3.16 -11.47
C LEU B 146 32.84 2.40 -12.76
N HIS B 147 32.06 2.63 -13.81
CA HIS B 147 32.29 2.01 -15.12
C HIS B 147 33.05 2.89 -16.07
N GLN B 148 33.57 4.02 -15.60
CA GLN B 148 34.41 4.89 -16.42
C GLN B 148 35.78 4.25 -16.69
N GLN B 149 36.32 4.50 -17.88
CA GLN B 149 37.62 3.95 -18.26
C GLN B 149 38.52 5.01 -18.91
N PRO B 150 39.29 5.75 -18.08
CA PRO B 150 39.33 5.74 -16.61
C PRO B 150 38.43 6.83 -16.03
N ALA B 151 38.48 7.02 -14.70
CA ALA B 151 37.65 8.03 -14.03
C ALA B 151 37.96 9.45 -14.51
N ASN B 152 36.91 10.27 -14.65
CA ASN B 152 37.04 11.61 -15.18
C ASN B 152 36.13 12.59 -14.44
N CYS B 153 36.75 13.43 -13.62
CA CYS B 153 36.05 14.37 -12.75
C CYS B 153 35.06 15.28 -13.48
N LYS B 154 35.42 15.67 -14.71
CA LYS B 154 34.56 16.51 -15.52
C LYS B 154 33.29 15.79 -15.95
N VAL B 155 33.43 14.50 -16.30
CA VAL B 155 32.30 13.66 -16.69
C VAL B 155 31.34 13.53 -15.50
N GLU B 156 31.89 13.23 -14.33
CA GLU B 156 31.12 13.09 -13.10
C GLU B 156 30.34 14.36 -12.76
N SER B 157 31.01 15.50 -12.76
CA SER B 157 30.37 16.77 -12.41
C SER B 157 29.29 17.19 -13.40
N LEU B 158 29.58 17.05 -14.70
CA LEU B 158 28.61 17.35 -15.74
C LEU B 158 27.36 16.46 -15.68
N ALA B 159 27.56 15.17 -15.43
CA ALA B 159 26.44 14.23 -15.28
C ALA B 159 25.57 14.65 -14.09
N MET B 160 26.22 15.01 -12.98
CA MET B 160 25.52 15.53 -11.81
C MET B 160 24.72 16.78 -12.14
N PHE B 161 25.35 17.71 -12.85
CA PHE B 161 24.69 18.94 -13.32
C PHE B 161 23.46 18.66 -14.18
N LEU B 162 23.59 17.74 -15.14
CA LEU B 162 22.49 17.39 -16.02
C LEU B 162 21.34 16.67 -15.26
N GLY B 163 21.72 15.80 -14.32
CA GLY B 163 20.74 15.13 -13.48
C GLY B 163 19.98 16.13 -12.62
N GLU B 164 20.70 17.12 -12.12
CA GLU B 164 20.10 18.18 -11.31
C GLU B 164 19.13 19.04 -12.13
N LEU B 165 19.52 19.39 -13.36
CA LEU B 165 18.63 20.15 -14.24
C LEU B 165 17.26 19.49 -14.43
N SER B 166 17.24 18.16 -14.48
CA SER B 166 15.99 17.42 -14.66
C SER B 166 15.01 17.59 -13.50
N LEU B 167 15.52 17.91 -12.31
CA LEU B 167 14.67 18.15 -11.12
C LEU B 167 13.73 19.34 -11.28
N ILE B 168 14.15 20.32 -12.08
CA ILE B 168 13.43 21.59 -12.24
C ILE B 168 12.12 21.42 -13.04
N ASP B 169 12.16 20.60 -14.07
CA ASP B 169 11.05 20.50 -15.03
C ASP B 169 10.26 19.20 -14.93
N ALA B 170 9.12 19.26 -14.24
CA ALA B 170 8.28 18.08 -14.00
C ALA B 170 7.78 17.52 -15.33
N ASP B 171 7.51 18.42 -16.27
CA ASP B 171 7.32 18.04 -17.66
C ASP B 171 8.63 18.37 -18.37
N PRO B 172 9.30 17.36 -18.94
CA PRO B 172 8.88 15.97 -19.11
C PRO B 172 9.41 14.96 -18.07
N TYR B 173 10.23 15.39 -17.11
CA TYR B 173 11.06 14.44 -16.36
C TYR B 173 10.38 13.52 -15.32
N LEU B 174 9.20 13.90 -14.85
CA LEU B 174 8.40 13.04 -13.97
C LEU B 174 8.03 11.70 -14.60
N LYS B 175 8.00 11.62 -15.93
CA LYS B 175 7.71 10.34 -16.56
C LYS B 175 8.90 9.37 -16.65
N TYR B 176 10.09 9.82 -16.27
CA TYR B 176 11.27 8.95 -16.32
C TYR B 176 11.71 8.51 -14.93
N LEU B 177 12.09 7.25 -14.81
CA LEU B 177 12.67 6.71 -13.56
C LEU B 177 14.05 7.29 -13.34
N PRO B 178 14.48 7.44 -12.07
CA PRO B 178 15.81 7.98 -11.74
C PRO B 178 16.96 7.22 -12.41
N SER B 179 16.82 5.89 -12.55
CA SER B 179 17.88 5.09 -13.17
C SER B 179 18.01 5.40 -14.67
N VAL B 180 16.89 5.77 -15.30
CA VAL B 180 16.86 6.16 -16.71
C VAL B 180 17.44 7.55 -16.90
N ILE B 181 16.98 8.52 -16.13
CA ILE B 181 17.55 9.86 -16.13
C ILE B 181 19.08 9.83 -15.91
N ALA B 182 19.52 9.08 -14.90
CA ALA B 182 20.95 8.85 -14.66
C ALA B 182 21.68 8.27 -15.87
N GLY B 183 21.04 7.31 -16.55
CA GLY B 183 21.61 6.72 -17.76
C GLY B 183 21.86 7.77 -18.82
N ALA B 184 20.81 8.52 -19.15
CA ALA B 184 20.89 9.61 -20.12
C ALA B 184 21.91 10.68 -19.75
N ALA B 185 21.88 11.11 -18.48
CA ALA B 185 22.82 12.12 -17.98
C ALA B 185 24.26 11.67 -18.07
N PHE B 186 24.51 10.40 -17.76
CA PHE B 186 25.86 9.86 -17.82
C PHE B 186 26.36 9.72 -19.26
N HIS B 187 25.50 9.25 -20.18
CA HIS B 187 25.88 9.17 -21.58
C HIS B 187 26.18 10.53 -22.13
N LEU B 188 25.29 11.48 -21.85
CA LEU B 188 25.42 12.83 -22.34
C LEU B 188 26.67 13.52 -21.79
N ALA B 189 27.00 13.25 -20.52
CA ALA B 189 28.22 13.81 -19.93
C ALA B 189 29.46 13.21 -20.58
N LEU B 190 29.43 11.88 -20.75
CA LEU B 190 30.54 11.14 -21.33
C LEU B 190 30.79 11.59 -22.76
N TYR B 191 29.71 11.71 -23.53
CA TYR B 191 29.79 12.14 -24.92
C TYR B 191 30.30 13.58 -25.07
N THR B 192 29.79 14.48 -24.22
CA THR B 192 30.22 15.88 -24.23
C THR B 192 31.71 16.04 -23.93
N VAL B 193 32.20 15.36 -22.90
CA VAL B 193 33.58 15.54 -22.45
C VAL B 193 34.61 14.74 -23.28
N THR B 194 34.34 13.45 -23.51
CA THR B 194 35.32 12.55 -24.12
C THR B 194 34.94 12.01 -25.49
N GLY B 195 33.69 12.23 -25.90
CA GLY B 195 33.18 11.64 -27.14
C GLY B 195 32.83 10.17 -27.06
N GLN B 196 33.04 9.56 -25.88
CA GLN B 196 32.70 8.14 -25.66
C GLN B 196 31.19 7.97 -25.49
N SER B 197 30.73 6.71 -25.49
CA SER B 197 29.32 6.41 -25.32
C SER B 197 29.00 5.52 -24.12
N TRP B 198 27.72 5.50 -23.75
CA TRP B 198 27.14 4.52 -22.83
C TRP B 198 27.93 3.25 -23.03
N PRO B 199 28.63 2.76 -21.98
CA PRO B 199 29.53 1.61 -22.15
C PRO B 199 28.73 0.31 -22.04
N GLU B 200 29.19 -0.74 -22.73
CA GLU B 200 28.46 -2.01 -22.74
C GLU B 200 28.52 -2.75 -21.40
N SER B 201 29.49 -2.41 -20.55
CA SER B 201 29.46 -2.94 -19.19
C SER B 201 28.23 -2.42 -18.41
N LEU B 202 27.78 -1.21 -18.73
CA LEU B 202 26.54 -0.69 -18.15
C LEU B 202 25.28 -1.29 -18.79
N ILE B 203 25.36 -1.70 -20.06
CA ILE B 203 24.31 -2.47 -20.70
C ILE B 203 24.14 -3.79 -19.99
N ARG B 204 25.25 -4.42 -19.64
CA ARG B 204 25.18 -5.68 -18.88
C ARG B 204 24.61 -5.46 -17.48
N LYS B 205 25.00 -4.36 -16.84
CA LYS B 205 24.55 -4.04 -15.48
C LYS B 205 23.06 -3.68 -15.47
N THR B 206 22.67 -2.75 -16.33
CA THR B 206 21.37 -2.08 -16.24
C THR B 206 20.30 -2.68 -17.16
N GLY B 207 20.73 -3.30 -18.24
CA GLY B 207 19.82 -3.79 -19.29
C GLY B 207 19.37 -2.66 -20.21
N TYR B 208 19.79 -1.43 -19.90
CA TYR B 208 19.47 -0.28 -20.72
C TYR B 208 20.46 -0.19 -21.87
N THR B 209 19.96 0.20 -23.04
CA THR B 209 20.82 0.44 -24.20
C THR B 209 20.57 1.87 -24.59
N LEU B 210 21.38 2.40 -25.52
CA LEU B 210 21.14 3.75 -26.04
C LEU B 210 19.77 3.90 -26.65
N GLU B 211 19.28 2.82 -27.27
CA GLU B 211 17.93 2.75 -27.81
C GLU B 211 16.86 3.01 -26.73
N SER B 212 16.96 2.28 -25.61
CA SER B 212 15.99 2.47 -24.51
C SER B 212 16.17 3.81 -23.79
N LEU B 213 17.38 4.35 -23.82
CA LEU B 213 17.64 5.65 -23.20
C LEU B 213 17.24 6.84 -24.08
N LYS B 214 17.13 6.61 -25.39
CA LYS B 214 16.90 7.69 -26.37
C LYS B 214 15.77 8.67 -26.03
N PRO B 215 14.56 8.19 -25.65
CA PRO B 215 13.53 9.19 -25.30
C PRO B 215 13.97 10.16 -24.20
N CYS B 216 14.57 9.65 -23.13
CA CYS B 216 15.04 10.54 -22.05
C CYS B 216 16.20 11.41 -22.54
N LEU B 217 17.09 10.79 -23.30
CA LEU B 217 18.28 11.48 -23.84
C LEU B 217 17.95 12.67 -24.74
N MET B 218 16.93 12.53 -25.60
CA MET B 218 16.49 13.62 -26.47
C MET B 218 15.92 14.79 -25.68
N ASP B 219 15.18 14.49 -24.62
CA ASP B 219 14.67 15.52 -23.72
C ASP B 219 15.82 16.20 -23.01
N LEU B 220 16.71 15.41 -22.41
CA LEU B 220 17.83 15.96 -21.65
C LEU B 220 18.75 16.81 -22.51
N HIS B 221 18.99 16.35 -23.73
CA HIS B 221 19.78 17.08 -24.71
C HIS B 221 19.19 18.46 -24.97
N GLN B 222 17.89 18.52 -25.22
CA GLN B 222 17.19 19.80 -25.42
C GLN B 222 17.25 20.69 -24.18
N THR B 223 17.14 20.08 -23.00
CA THR B 223 17.23 20.81 -21.73
C THR B 223 18.62 21.43 -21.60
N TYR B 224 19.64 20.63 -21.90
CA TYR B 224 21.03 21.08 -21.88
C TYR B 224 21.22 22.27 -22.84
N LEU B 225 20.82 22.09 -24.09
CA LEU B 225 20.93 23.14 -25.11
C LEU B 225 20.25 24.45 -24.68
N LYS B 226 19.07 24.33 -24.07
CA LYS B 226 18.23 25.48 -23.73
C LYS B 226 18.55 26.06 -22.35
N ALA B 227 19.47 25.42 -21.63
CA ALA B 227 19.76 25.75 -20.24
C ALA B 227 20.02 27.24 -19.96
N PRO B 228 20.86 27.91 -20.79
CA PRO B 228 21.15 29.32 -20.49
C PRO B 228 19.95 30.27 -20.60
N GLN B 229 18.88 29.83 -21.27
CA GLN B 229 17.68 30.66 -21.48
C GLN B 229 16.53 30.32 -20.54
N HIS B 230 16.73 29.31 -19.70
CA HIS B 230 15.72 28.88 -18.74
C HIS B 230 15.51 29.92 -17.68
N ALA B 231 14.25 30.17 -17.34
CA ALA B 231 13.88 31.09 -16.26
C ALA B 231 14.65 30.84 -14.95
N GLN B 232 14.85 29.57 -14.60
CA GLN B 232 15.55 29.20 -13.37
C GLN B 232 17.03 28.93 -13.64
N GLN B 233 17.91 29.57 -12.86
CA GLN B 233 19.34 29.61 -13.17
C GLN B 233 20.25 29.20 -12.00
N SER B 234 19.67 28.80 -10.87
CA SER B 234 20.49 28.48 -9.70
C SER B 234 21.42 27.28 -9.90
N ILE B 235 20.99 26.28 -10.67
CA ILE B 235 21.84 25.12 -10.95
C ILE B 235 23.05 25.51 -11.80
N ARG B 236 22.81 26.27 -12.88
CA ARG B 236 23.92 26.77 -13.71
C ARG B 236 24.92 27.62 -12.91
N GLU B 237 24.41 28.48 -12.04
CA GLU B 237 25.26 29.26 -11.15
C GLU B 237 26.09 28.35 -10.23
N LYS B 238 25.40 27.47 -9.52
CA LYS B 238 26.03 26.48 -8.65
C LYS B 238 27.18 25.75 -9.34
N TYR B 239 26.94 25.28 -10.57
CA TYR B 239 27.92 24.44 -11.24
C TYR B 239 29.00 25.22 -12.02
N LYS B 240 29.06 26.54 -11.79
CA LYS B 240 30.19 27.37 -12.22
C LYS B 240 31.39 27.16 -11.29
N ASN B 241 31.10 26.74 -10.06
CA ASN B 241 32.10 26.63 -9.01
C ASN B 241 33.14 25.56 -9.26
N SER B 242 34.36 25.82 -8.78
CA SER B 242 35.48 24.88 -8.94
C SER B 242 35.19 23.56 -8.24
N LYS B 243 34.37 23.62 -7.20
CA LYS B 243 33.83 22.43 -6.55
C LYS B 243 33.33 21.42 -7.58
N TYR B 244 32.68 21.91 -8.64
CA TYR B 244 32.13 21.04 -9.68
C TYR B 244 32.87 21.25 -11.00
N HIS B 245 34.13 21.67 -10.91
CA HIS B 245 35.02 21.85 -12.07
C HIS B 245 34.42 22.74 -13.12
N GLY B 246 33.62 23.72 -12.68
CA GLY B 246 32.97 24.68 -13.57
C GLY B 246 32.29 24.09 -14.79
N VAL B 247 31.74 22.88 -14.68
CA VAL B 247 31.16 22.17 -15.83
C VAL B 247 30.00 22.88 -16.52
N SER B 248 29.32 23.79 -15.81
CA SER B 248 28.24 24.54 -16.44
C SER B 248 28.74 25.50 -17.53
N LEU B 249 30.06 25.62 -17.66
CA LEU B 249 30.68 26.46 -18.70
C LEU B 249 31.07 25.67 -19.96
N LEU B 250 31.05 24.34 -19.86
CA LEU B 250 31.25 23.49 -21.03
C LEU B 250 30.13 23.69 -22.05
N ASN B 251 30.47 23.53 -23.32
CA ASN B 251 29.51 23.73 -24.39
C ASN B 251 28.80 22.42 -24.76
N PRO B 252 27.47 22.43 -24.76
CA PRO B 252 26.70 21.26 -25.17
C PRO B 252 26.98 20.89 -26.62
N PRO B 253 27.00 19.59 -26.94
CA PRO B 253 27.15 19.15 -28.32
C PRO B 253 25.92 19.53 -29.14
N GLU B 254 26.12 19.87 -30.42
CA GLU B 254 25.02 20.28 -31.28
C GLU B 254 24.11 19.12 -31.67
N THR B 255 24.71 17.96 -31.95
CA THR B 255 23.94 16.75 -32.24
C THR B 255 24.48 15.56 -31.45
N LEU B 256 23.63 14.55 -31.31
CA LEU B 256 23.98 13.34 -30.55
C LEU B 256 24.48 12.20 -31.42
N ASN B 257 24.39 12.36 -32.74
CA ASN B 257 24.81 11.32 -33.70
C ASN B 257 24.15 9.96 -33.45
N LEU B 258 22.82 9.96 -33.46
CA LEU B 258 22.03 8.74 -33.24
C LEU B 258 21.18 8.37 -34.44
N GLY C 1 -3.53 12.03 7.98
CA GLY C 1 -4.86 12.66 8.24
C GLY C 1 -5.35 12.51 9.67
N SER C 2 -5.63 13.65 10.29
CA SER C 2 -6.18 13.71 11.65
C SER C 2 -7.00 15.00 11.79
N MET C 3 -7.70 15.14 12.91
CA MET C 3 -8.68 16.23 13.02
C MET C 3 -8.11 17.62 13.32
N GLU C 4 -6.96 17.67 13.97
CA GLU C 4 -6.33 18.96 14.31
C GLU C 4 -5.89 19.76 13.09
N ASN C 5 -5.60 19.08 11.99
CA ASN C 5 -5.28 19.73 10.70
C ASN C 5 -6.45 20.51 10.10
N PHE C 6 -7.67 20.15 10.46
CA PHE C 6 -8.85 20.72 9.81
C PHE C 6 -9.56 21.80 10.61
N GLN C 7 -9.88 22.90 9.93
CA GLN C 7 -10.73 23.95 10.48
C GLN C 7 -12.12 23.83 9.88
N LYS C 8 -13.12 23.63 10.74
CA LYS C 8 -14.50 23.60 10.28
C LYS C 8 -14.89 25.00 9.88
N VAL C 9 -15.50 25.14 8.70
CA VAL C 9 -15.92 26.44 8.20
C VAL C 9 -17.42 26.62 8.44
N GLU C 10 -18.23 25.75 7.81
CA GLU C 10 -19.68 25.82 7.91
C GLU C 10 -20.31 24.46 7.68
N LYS C 11 -21.56 24.30 8.10
CA LYS C 11 -22.31 23.09 7.82
C LYS C 11 -22.89 23.17 6.42
N ILE C 12 -22.75 22.09 5.65
CA ILE C 12 -23.20 22.05 4.27
C ILE C 12 -24.17 20.90 4.02
N GLY C 13 -24.40 20.11 5.06
CA GLY C 13 -25.22 18.92 4.94
C GLY C 13 -25.62 18.31 6.27
N GLU C 14 -26.77 17.65 6.25
CA GLU C 14 -27.27 16.90 7.39
C GLU C 14 -27.45 15.47 6.91
N GLY C 15 -27.29 14.52 7.81
CA GLY C 15 -27.50 13.11 7.49
C GLY C 15 -27.79 12.27 8.73
N THR C 16 -28.10 11.00 8.51
CA THR C 16 -28.21 10.04 9.60
C THR C 16 -26.80 9.67 10.06
N TYR C 17 -26.70 9.16 11.29
CA TYR C 17 -25.41 8.90 11.98
C TYR C 17 -24.66 10.21 12.30
N GLY C 18 -24.27 10.94 11.26
CA GLY C 18 -23.61 12.24 11.44
C GLY C 18 -23.97 13.24 10.36
N VAL C 19 -23.30 14.39 10.39
CA VAL C 19 -23.55 15.46 9.42
C VAL C 19 -22.39 15.65 8.44
N VAL C 20 -22.51 16.68 7.60
CA VAL C 20 -21.49 17.03 6.62
C VAL C 20 -21.05 18.48 6.79
N TYR C 21 -19.76 18.67 7.08
CA TYR C 21 -19.17 19.99 7.24
C TYR C 21 -18.32 20.38 6.03
N LYS C 22 -18.06 21.68 5.90
CA LYS C 22 -17.03 22.19 5.01
C LYS C 22 -15.85 22.56 5.89
N ALA C 23 -14.67 22.11 5.51
CA ALA C 23 -13.47 22.30 6.31
C ALA C 23 -12.28 22.73 5.48
N ARG C 24 -11.30 23.34 6.14
CA ARG C 24 -10.08 23.79 5.47
C ARG C 24 -8.89 23.12 6.13
N ASN C 25 -8.02 22.53 5.32
CA ASN C 25 -6.76 22.00 5.81
C ASN C 25 -5.86 23.18 6.16
N LYS C 26 -5.57 23.35 7.44
CA LYS C 26 -4.79 24.48 7.91
C LYS C 26 -3.40 24.54 7.28
N LEU C 27 -2.82 23.38 6.99
CA LEU C 27 -1.44 23.30 6.50
C LEU C 27 -1.30 23.46 4.98
N THR C 28 -2.23 22.89 4.22
CA THR C 28 -2.14 22.92 2.75
C THR C 28 -3.09 23.93 2.11
N GLY C 29 -4.11 24.36 2.86
CA GLY C 29 -5.15 25.24 2.34
C GLY C 29 -6.26 24.53 1.57
N GLU C 30 -6.16 23.21 1.45
CA GLU C 30 -7.16 22.42 0.75
C GLU C 30 -8.51 22.48 1.45
N VAL C 31 -9.55 22.77 0.66
CA VAL C 31 -10.92 22.85 1.15
C VAL C 31 -11.57 21.48 0.92
N VAL C 32 -12.15 20.92 1.99
CA VAL C 32 -12.69 19.56 1.96
C VAL C 32 -14.10 19.49 2.54
N ALA C 33 -14.79 18.39 2.26
CA ALA C 33 -16.05 18.08 2.93
C ALA C 33 -15.84 16.95 3.93
N LEU C 34 -16.10 17.22 5.20
CA LEU C 34 -16.00 16.20 6.25
C LEU C 34 -17.36 15.59 6.52
N LYS C 35 -17.45 14.27 6.37
CA LYS C 35 -18.68 13.54 6.62
C LYS C 35 -18.50 12.68 7.85
N LYS C 36 -19.13 13.10 8.95
CA LYS C 36 -19.04 12.39 10.21
C LYS C 36 -19.98 11.18 10.25
N ILE C 37 -19.52 10.09 10.85
CA ILE C 37 -20.33 8.89 11.04
C ILE C 37 -20.21 8.41 12.48
N ARG C 38 -21.36 8.19 13.11
CA ARG C 38 -21.44 7.77 14.51
C ARG C 38 -21.16 6.28 14.64
N LEU C 39 -20.23 5.95 15.52
CA LEU C 39 -19.93 4.56 15.83
C LEU C 39 -20.71 4.12 17.05
N ASP C 40 -21.52 3.09 16.89
CA ASP C 40 -22.30 2.54 18.00
C ASP C 40 -21.44 1.55 18.78
N THR C 41 -20.53 2.10 19.58
CA THR C 41 -19.47 1.31 20.23
C THR C 41 -19.91 0.40 21.37
N GLU C 42 -21.19 0.45 21.74
CA GLU C 42 -21.72 -0.46 22.76
C GLU C 42 -22.82 -1.36 22.21
N THR C 43 -23.23 -1.12 20.97
CA THR C 43 -24.34 -1.86 20.40
C THR C 43 -24.05 -2.53 19.04
N GLU C 44 -24.05 -1.76 17.95
CA GLU C 44 -23.96 -2.37 16.62
C GLU C 44 -22.67 -2.10 15.83
N GLY C 45 -21.79 -1.27 16.37
CA GLY C 45 -20.48 -0.99 15.75
C GLY C 45 -20.52 -0.09 14.54
N VAL C 46 -19.62 -0.33 13.59
CA VAL C 46 -19.60 0.44 12.35
C VAL C 46 -20.81 0.06 11.49
N PRO C 47 -21.62 1.05 11.07
CA PRO C 47 -22.81 0.77 10.27
C PRO C 47 -22.49 0.27 8.87
N SER C 48 -23.32 -0.64 8.37
CA SER C 48 -23.11 -1.28 7.07
C SER C 48 -23.07 -0.31 5.88
N THR C 49 -23.84 0.77 5.97
CA THR C 49 -23.82 1.82 4.94
C THR C 49 -22.43 2.46 4.81
N ALA C 50 -21.83 2.86 5.94
CA ALA C 50 -20.48 3.46 5.93
C ALA C 50 -19.45 2.48 5.37
N ILE C 51 -19.54 1.24 5.84
CA ILE C 51 -18.70 0.13 5.39
C ILE C 51 -18.70 -0.02 3.87
N ARG C 52 -19.90 -0.04 3.27
CA ARG C 52 -20.04 -0.17 1.82
C ARG C 52 -19.58 1.11 1.13
N GLU C 53 -20.00 2.26 1.67
CA GLU C 53 -19.60 3.55 1.11
C GLU C 53 -18.09 3.66 1.00
N ILE C 54 -17.37 3.35 2.09
CA ILE C 54 -15.90 3.48 2.10
C ILE C 54 -15.21 2.47 1.18
N SER C 55 -15.49 1.19 1.36
CA SER C 55 -14.86 0.15 0.55
C SER C 55 -15.05 0.35 -0.95
N LEU C 56 -16.24 0.77 -1.35
CA LEU C 56 -16.54 0.95 -2.78
C LEU C 56 -15.94 2.25 -3.32
N LEU C 57 -16.03 3.31 -2.52
CA LEU C 57 -15.47 4.60 -2.90
C LEU C 57 -13.96 4.52 -3.08
N LYS C 58 -13.30 3.65 -2.29
CA LYS C 58 -11.86 3.44 -2.41
C LYS C 58 -11.48 2.71 -3.70
N GLU C 59 -12.37 1.84 -4.17
CA GLU C 59 -12.17 1.12 -5.43
C GLU C 59 -12.40 1.98 -6.67
N LEU C 60 -13.21 3.04 -6.53
CA LEU C 60 -13.60 3.84 -7.68
C LEU C 60 -12.83 5.15 -7.78
N ASN C 61 -11.91 5.21 -8.72
CA ASN C 61 -11.17 6.43 -9.02
C ASN C 61 -11.52 6.90 -10.44
N HIS C 62 -12.33 7.96 -10.52
CA HIS C 62 -12.80 8.50 -11.80
C HIS C 62 -13.08 9.97 -11.64
N PRO C 63 -12.81 10.77 -12.70
CA PRO C 63 -13.04 12.21 -12.58
C PRO C 63 -14.51 12.61 -12.34
N ASN C 64 -15.45 11.77 -12.74
CA ASN C 64 -16.87 12.03 -12.50
C ASN C 64 -17.46 11.26 -11.31
N ILE C 65 -16.59 10.87 -10.38
CA ILE C 65 -17.03 10.30 -9.10
C ILE C 65 -16.34 11.08 -7.98
N VAL C 66 -17.10 11.46 -6.96
CA VAL C 66 -16.54 12.19 -5.83
C VAL C 66 -15.33 11.45 -5.23
N LYS C 67 -14.29 12.20 -4.95
CA LYS C 67 -13.05 11.64 -4.45
C LYS C 67 -13.06 11.53 -2.92
N LEU C 68 -12.89 10.31 -2.43
CA LEU C 68 -12.67 10.07 -1.01
C LEU C 68 -11.18 10.20 -0.75
N LEU C 69 -10.79 11.23 -0.01
CA LEU C 69 -9.38 11.56 0.21
C LEU C 69 -8.77 10.82 1.39
N ASP C 70 -9.54 10.67 2.47
CA ASP C 70 -9.01 10.02 3.68
C ASP C 70 -10.16 9.49 4.51
N VAL C 71 -9.83 8.55 5.41
CA VAL C 71 -10.74 8.12 6.44
C VAL C 71 -9.98 8.29 7.76
N ILE C 72 -10.57 9.03 8.69
CA ILE C 72 -9.96 9.22 10.01
C ILE C 72 -10.71 8.42 11.07
N HIS C 73 -9.97 7.55 11.75
CA HIS C 73 -10.49 6.65 12.78
C HIS C 73 -10.33 7.18 14.16
N THR C 74 -11.39 7.05 14.94
CA THR C 74 -11.34 7.33 16.37
C THR C 74 -11.89 6.07 17.01
N GLU C 75 -11.75 5.98 18.33
CA GLU C 75 -12.45 4.97 19.09
C GLU C 75 -13.96 5.15 18.89
N ASN C 76 -14.42 6.41 18.86
CA ASN C 76 -15.86 6.72 18.87
C ASN C 76 -16.45 7.31 17.61
N LYS C 77 -15.60 7.83 16.72
CA LYS C 77 -16.10 8.52 15.52
C LYS C 77 -15.32 8.16 14.27
N LEU C 78 -15.99 8.24 13.14
CA LEU C 78 -15.38 8.01 11.85
C LEU C 78 -15.67 9.23 10.97
N TYR C 79 -14.60 9.83 10.45
CA TYR C 79 -14.74 10.98 9.54
C TYR C 79 -14.27 10.57 8.17
N LEU C 80 -15.13 10.74 7.17
CA LEU C 80 -14.72 10.58 5.78
C LEU C 80 -14.35 11.96 5.23
N VAL C 81 -13.21 12.02 4.54
CA VAL C 81 -12.71 13.28 3.99
C VAL C 81 -12.86 13.23 2.49
N PHE C 82 -13.67 14.14 1.96
CA PHE C 82 -13.94 14.23 0.53
C PHE C 82 -13.38 15.53 -0.02
N GLU C 83 -13.12 15.56 -1.32
CA GLU C 83 -12.97 16.82 -2.04
C GLU C 83 -14.25 17.65 -1.90
N PHE C 84 -14.11 18.96 -1.88
CA PHE C 84 -15.26 19.85 -1.79
C PHE C 84 -15.67 20.28 -3.19
N LEU C 85 -16.95 20.14 -3.50
CA LEU C 85 -17.50 20.63 -4.75
C LEU C 85 -18.46 21.78 -4.47
N HIS C 86 -18.47 22.75 -5.38
CA HIS C 86 -19.23 23.99 -5.21
C HIS C 86 -20.62 23.80 -4.63
N GLN C 87 -21.43 22.98 -5.29
CA GLN C 87 -22.80 22.70 -4.86
C GLN C 87 -23.38 21.47 -5.54
N ASP C 88 -24.51 20.99 -5.03
CA ASP C 88 -25.20 19.86 -5.64
C ASP C 88 -26.09 20.34 -6.79
N LEU C 89 -26.57 19.39 -7.61
CA LEU C 89 -27.34 19.74 -8.80
C LEU C 89 -28.71 20.34 -8.47
N LYS C 90 -29.35 19.83 -7.43
CA LYS C 90 -30.63 20.36 -6.94
C LYS C 90 -30.59 21.87 -6.73
N LYS C 91 -29.53 22.34 -6.06
CA LYS C 91 -29.39 23.77 -5.74
C LYS C 91 -29.16 24.61 -6.99
N PHE C 92 -28.36 24.07 -7.90
CA PHE C 92 -28.06 24.74 -9.15
C PHE C 92 -29.32 24.91 -10.00
N MET C 93 -30.13 23.85 -10.09
CA MET C 93 -31.37 23.87 -10.87
C MET C 93 -32.32 24.94 -10.34
N ASP C 94 -32.48 24.98 -9.02
CA ASP C 94 -33.34 25.97 -8.35
C ASP C 94 -32.85 27.39 -8.60
N ALA C 95 -31.53 27.58 -8.59
CA ALA C 95 -30.92 28.88 -8.87
C ALA C 95 -31.20 29.32 -10.30
N SER C 96 -31.44 28.34 -11.18
CA SER C 96 -31.67 28.60 -12.60
C SER C 96 -33.15 28.39 -13.01
N ALA C 97 -34.06 28.46 -12.04
CA ALA C 97 -35.48 28.27 -12.31
C ALA C 97 -36.02 29.28 -13.33
N LEU C 98 -35.59 30.54 -13.19
CA LEU C 98 -36.03 31.62 -14.07
C LEU C 98 -35.13 31.81 -15.29
N THR C 99 -33.82 31.88 -15.09
CA THR C 99 -32.87 32.12 -16.19
C THR C 99 -32.77 30.92 -17.14
N GLY C 100 -33.04 29.72 -16.62
CA GLY C 100 -32.95 28.48 -17.41
C GLY C 100 -31.55 27.90 -17.43
N ILE C 101 -31.44 26.62 -17.77
CA ILE C 101 -30.15 25.94 -17.90
C ILE C 101 -29.84 25.67 -19.39
N PRO C 102 -28.80 26.33 -19.94
CA PRO C 102 -28.40 26.18 -21.35
C PRO C 102 -28.29 24.72 -21.79
N LEU C 103 -28.73 24.43 -23.00
CA LEU C 103 -28.74 23.05 -23.50
C LEU C 103 -27.34 22.43 -23.69
N PRO C 104 -26.32 23.24 -24.08
CA PRO C 104 -24.97 22.68 -24.13
C PRO C 104 -24.48 22.19 -22.76
N LEU C 105 -24.94 22.84 -21.69
CA LEU C 105 -24.58 22.49 -20.31
C LEU C 105 -25.27 21.21 -19.84
N ILE C 106 -26.53 21.05 -20.21
CA ILE C 106 -27.32 19.84 -19.88
C ILE C 106 -26.68 18.60 -20.51
N LYS C 107 -26.32 18.71 -21.79
CA LYS C 107 -25.65 17.64 -22.53
C LYS C 107 -24.32 17.28 -21.87
N SER C 108 -23.55 18.30 -21.52
CA SER C 108 -22.27 18.14 -20.83
C SER C 108 -22.43 17.32 -19.55
N TYR C 109 -23.35 17.76 -18.69
CA TYR C 109 -23.63 17.08 -17.43
C TYR C 109 -24.08 15.63 -17.61
N LEU C 110 -25.02 15.40 -18.52
CA LEU C 110 -25.54 14.05 -18.79
C LEU C 110 -24.46 13.12 -19.34
N PHE C 111 -23.58 13.67 -20.18
CA PHE C 111 -22.44 12.91 -20.73
C PHE C 111 -21.50 12.49 -19.60
N GLN C 112 -21.18 13.43 -18.72
CA GLN C 112 -20.28 13.18 -17.61
C GLN C 112 -20.85 12.19 -16.61
N LEU C 113 -22.16 12.30 -16.33
CA LEU C 113 -22.84 11.41 -15.40
C LEU C 113 -22.87 9.98 -15.91
N LEU C 114 -23.06 9.83 -17.22
CA LEU C 114 -23.09 8.52 -17.86
C LEU C 114 -21.73 7.84 -17.85
N GLN C 115 -20.66 8.65 -17.92
CA GLN C 115 -19.29 8.15 -17.85
C GLN C 115 -18.99 7.65 -16.45
N GLY C 116 -19.30 8.49 -15.45
CA GLY C 116 -19.18 8.10 -14.05
C GLY C 116 -19.92 6.81 -13.79
N LEU C 117 -21.12 6.69 -14.36
CA LEU C 117 -22.00 5.54 -14.13
C LEU C 117 -21.49 4.27 -14.78
N ALA C 118 -21.10 4.36 -16.05
CA ALA C 118 -20.48 3.24 -16.77
C ALA C 118 -19.24 2.73 -16.04
N PHE C 119 -18.47 3.65 -15.45
CA PHE C 119 -17.35 3.28 -14.60
C PHE C 119 -17.80 2.45 -13.39
N CYS C 120 -18.83 2.92 -12.67
CA CYS C 120 -19.44 2.17 -11.57
C CYS C 120 -19.89 0.77 -12.00
N HIS C 121 -20.65 0.71 -13.09
CA HIS C 121 -21.19 -0.55 -13.58
C HIS C 121 -20.13 -1.51 -14.05
N SER C 122 -19.07 -0.97 -14.67
CA SER C 122 -17.89 -1.75 -15.08
C SER C 122 -17.12 -2.31 -13.89
N HIS C 123 -17.33 -1.71 -12.72
CA HIS C 123 -16.64 -2.10 -11.51
C HIS C 123 -17.54 -2.83 -10.55
N ARG C 124 -18.63 -3.38 -11.09
CA ARG C 124 -19.68 -4.08 -10.33
C ARG C 124 -20.27 -3.29 -9.14
N VAL C 125 -20.54 -2.01 -9.34
CA VAL C 125 -21.16 -1.19 -8.31
C VAL C 125 -22.49 -0.58 -8.77
N LEU C 126 -23.58 -0.90 -8.07
CA LEU C 126 -24.87 -0.23 -8.26
C LEU C 126 -24.92 0.97 -7.33
N HIS C 127 -25.37 2.12 -7.84
CA HIS C 127 -25.42 3.34 -7.02
C HIS C 127 -26.66 3.42 -6.19
N ARG C 128 -27.81 3.27 -6.84
CA ARG C 128 -29.12 3.13 -6.19
C ARG C 128 -29.65 4.35 -5.41
N ASP C 129 -29.06 5.52 -5.65
CA ASP C 129 -29.59 6.74 -5.04
C ASP C 129 -29.31 7.96 -5.89
N LEU C 130 -29.34 7.78 -7.20
CA LEU C 130 -29.12 8.88 -8.14
C LEU C 130 -30.27 9.88 -8.09
N LYS C 131 -29.95 11.13 -7.72
CA LYS C 131 -30.88 12.26 -7.71
C LYS C 131 -30.11 13.58 -7.65
N PRO C 132 -30.74 14.71 -8.03
CA PRO C 132 -30.00 15.97 -8.17
C PRO C 132 -29.26 16.46 -6.93
N GLU C 133 -29.73 16.10 -5.74
CA GLU C 133 -29.04 16.49 -4.51
C GLU C 133 -27.80 15.62 -4.25
N ASN C 134 -27.73 14.49 -4.93
CA ASN C 134 -26.63 13.52 -4.76
C ASN C 134 -25.57 13.63 -5.85
N LEU C 135 -25.66 14.70 -6.64
CA LEU C 135 -24.75 14.96 -7.73
C LEU C 135 -24.12 16.32 -7.50
N LEU C 136 -22.80 16.38 -7.57
CA LEU C 136 -22.07 17.58 -7.22
C LEU C 136 -21.38 18.22 -8.42
N ILE C 137 -21.48 19.54 -8.50
CA ILE C 137 -20.88 20.30 -9.59
C ILE C 137 -19.81 21.25 -9.06
N ASN C 138 -18.77 21.48 -9.87
CA ASN C 138 -17.77 22.48 -9.52
C ASN C 138 -17.96 23.76 -10.34
N THR C 139 -17.07 24.73 -10.13
CA THR C 139 -17.19 26.01 -10.81
C THR C 139 -16.68 25.94 -12.26
N GLU C 140 -15.95 24.87 -12.58
CA GLU C 140 -15.32 24.71 -13.91
C GLU C 140 -16.21 24.05 -14.97
N GLY C 141 -17.21 23.28 -14.55
CA GLY C 141 -18.12 22.62 -15.49
C GLY C 141 -18.17 21.11 -15.34
N ALA C 142 -17.60 20.60 -14.24
CA ALA C 142 -17.62 19.17 -13.96
C ALA C 142 -18.80 18.81 -13.07
N ILE C 143 -19.32 17.60 -13.27
CA ILE C 143 -20.31 17.02 -12.39
C ILE C 143 -19.84 15.62 -11.95
N LYS C 144 -20.14 15.26 -10.71
CA LYS C 144 -19.70 13.98 -10.17
C LYS C 144 -20.83 13.29 -9.42
N LEU C 145 -20.86 11.96 -9.46
CA LEU C 145 -21.75 11.20 -8.61
C LEU C 145 -21.21 11.24 -7.18
N ALA C 146 -22.10 11.46 -6.21
CA ALA C 146 -21.76 11.42 -4.80
C ALA C 146 -22.78 10.60 -4.01
N ASP C 147 -22.59 10.55 -2.68
CA ASP C 147 -23.41 9.75 -1.77
C ASP C 147 -23.61 8.28 -2.13
N PHE C 148 -22.56 7.48 -1.94
CA PHE C 148 -22.62 6.03 -2.12
C PHE C 148 -23.14 5.29 -0.88
N GLY C 149 -23.97 5.99 -0.10
CA GLY C 149 -24.60 5.46 1.10
C GLY C 149 -25.54 4.29 0.85
N LEU C 150 -26.08 4.20 -0.37
CA LEU C 150 -27.01 3.11 -0.72
C LEU C 150 -26.42 2.14 -1.73
N ALA C 151 -25.13 2.29 -2.04
CA ALA C 151 -24.52 1.49 -3.10
C ALA C 151 -24.26 0.07 -2.63
N ARG C 152 -24.08 -0.84 -3.57
CA ARG C 152 -23.57 -2.17 -3.25
C ARG C 152 -22.79 -2.80 -4.41
N ALA C 153 -21.92 -3.75 -4.08
CA ALA C 153 -21.18 -4.49 -5.08
C ALA C 153 -22.09 -5.61 -5.57
N PHE C 154 -22.43 -5.58 -6.86
CA PHE C 154 -23.34 -6.60 -7.38
C PHE C 154 -22.59 -7.81 -7.93
N GLY C 155 -23.31 -8.93 -8.08
CA GLY C 155 -22.74 -10.16 -8.60
C GLY C 155 -23.19 -10.40 -10.03
N VAL C 156 -22.47 -11.27 -10.72
CA VAL C 156 -22.80 -11.62 -12.10
C VAL C 156 -23.05 -13.13 -12.18
N PRO C 157 -24.33 -13.53 -12.37
CA PRO C 157 -25.48 -12.64 -12.47
C PRO C 157 -25.96 -12.22 -11.08
N VAL C 158 -26.80 -11.19 -11.03
CA VAL C 158 -27.30 -10.66 -9.76
C VAL C 158 -28.16 -11.67 -9.01
N ARG C 159 -28.19 -11.54 -7.69
CA ARG C 159 -29.20 -12.21 -6.88
C ARG C 159 -30.12 -11.16 -6.24
N THR C 160 -31.10 -11.60 -5.46
CA THR C 160 -32.03 -10.67 -4.80
C THR C 160 -31.28 -9.70 -3.87
N TYR C 161 -31.55 -8.41 -4.03
CA TYR C 161 -30.95 -7.38 -3.18
C TYR C 161 -32.03 -6.53 -2.48
N TPO C 162 -31.60 -5.55 -1.68
CA TPO C 162 -32.49 -4.72 -0.86
CB TPO C 162 -31.68 -3.69 -0.08
CG2 TPO C 162 -32.56 -2.88 0.88
OG1 TPO C 162 -30.70 -4.39 0.68
P TPO C 162 -29.12 -4.25 0.35
O1P TPO C 162 -28.48 -5.24 1.29
O2P TPO C 162 -29.01 -4.63 -1.11
O3P TPO C 162 -28.86 -2.80 0.63
C TPO C 162 -33.55 -4.05 -1.68
O TPO C 162 -33.24 -3.30 -2.63
N HIS C 163 -34.80 -4.28 -1.31
CA HIS C 163 -35.95 -3.75 -2.03
C HIS C 163 -36.22 -2.29 -1.77
N GLU C 164 -35.80 -1.81 -0.60
CA GLU C 164 -36.06 -0.44 -0.16
C GLU C 164 -34.98 0.52 -0.67
N VAL C 165 -34.85 0.62 -1.99
CA VAL C 165 -33.80 1.44 -2.58
C VAL C 165 -34.34 2.48 -3.55
N VAL C 166 -33.54 3.54 -3.77
CA VAL C 166 -33.86 4.69 -4.64
C VAL C 166 -35.03 5.49 -4.08
N THR C 167 -34.86 6.81 -3.97
CA THR C 167 -35.96 7.63 -3.51
C THR C 167 -37.04 7.68 -4.62
N LEU C 168 -38.29 7.81 -4.19
CA LEU C 168 -39.48 7.53 -5.00
C LEU C 168 -39.55 8.15 -6.40
N TRP C 169 -39.37 9.48 -6.48
CA TRP C 169 -39.48 10.21 -7.76
C TRP C 169 -38.60 9.66 -8.85
N TYR C 170 -37.53 8.98 -8.45
CA TYR C 170 -36.49 8.51 -9.38
C TYR C 170 -36.40 6.99 -9.44
N ARG C 171 -37.34 6.31 -8.78
CA ARG C 171 -37.37 4.85 -8.73
C ARG C 171 -37.91 4.23 -10.02
N ALA C 172 -37.20 3.21 -10.49
CA ALA C 172 -37.57 2.49 -11.72
C ALA C 172 -38.82 1.62 -11.51
N PRO C 173 -39.52 1.28 -12.61
CA PRO C 173 -40.72 0.42 -12.54
C PRO C 173 -40.47 -0.94 -11.88
N GLU C 174 -39.36 -1.60 -12.22
CA GLU C 174 -39.10 -2.97 -11.77
C GLU C 174 -38.93 -3.11 -10.24
N ILE C 175 -38.57 -2.01 -9.58
CA ILE C 175 -38.52 -1.98 -8.12
C ILE C 175 -39.95 -1.84 -7.57
N LEU C 176 -40.66 -0.83 -8.07
CA LEU C 176 -42.07 -0.58 -7.71
C LEU C 176 -42.95 -1.81 -7.92
N LEU C 177 -42.68 -2.55 -8.99
CA LEU C 177 -43.44 -3.78 -9.30
C LEU C 177 -42.84 -5.03 -8.65
N GLY C 178 -41.93 -4.81 -7.70
CA GLY C 178 -41.40 -5.87 -6.84
C GLY C 178 -40.71 -7.04 -7.51
N CYS C 179 -40.00 -6.78 -8.60
CA CYS C 179 -39.24 -7.83 -9.30
C CYS C 179 -38.16 -8.41 -8.39
N LYS C 180 -37.99 -9.72 -8.46
CA LYS C 180 -37.03 -10.44 -7.60
C LYS C 180 -35.59 -10.01 -7.86
N TYR C 181 -35.27 -9.75 -9.13
CA TYR C 181 -33.94 -9.35 -9.54
C TYR C 181 -33.97 -8.01 -10.25
N TYR C 182 -33.18 -7.06 -9.74
CA TYR C 182 -32.94 -5.79 -10.44
C TYR C 182 -31.44 -5.57 -10.59
N SER C 183 -31.06 -4.70 -11.52
CA SER C 183 -29.63 -4.47 -11.80
C SER C 183 -29.33 -3.07 -12.31
N THR C 184 -28.23 -2.93 -13.04
CA THR C 184 -27.71 -1.65 -13.51
C THR C 184 -28.77 -0.75 -14.15
N ALA C 185 -29.77 -1.37 -14.76
CA ALA C 185 -30.87 -0.66 -15.39
C ALA C 185 -31.57 0.34 -14.46
N VAL C 186 -31.69 0.00 -13.17
CA VAL C 186 -32.34 0.90 -12.20
C VAL C 186 -31.62 2.26 -12.13
N ASP C 187 -30.29 2.24 -12.26
CA ASP C 187 -29.49 3.46 -12.26
C ASP C 187 -29.69 4.29 -13.52
N ILE C 188 -29.88 3.62 -14.65
CA ILE C 188 -30.17 4.30 -15.92
C ILE C 188 -31.52 5.04 -15.89
N TRP C 189 -32.53 4.39 -15.31
CA TRP C 189 -33.84 5.03 -15.10
C TRP C 189 -33.73 6.36 -14.38
N SER C 190 -33.05 6.35 -13.24
CA SER C 190 -32.87 7.55 -12.43
C SER C 190 -32.23 8.69 -13.22
N LEU C 191 -31.18 8.36 -13.97
CA LEU C 191 -30.54 9.32 -14.86
C LEU C 191 -31.50 9.82 -15.93
N GLY C 192 -32.36 8.93 -16.42
CA GLY C 192 -33.43 9.30 -17.35
C GLY C 192 -34.26 10.43 -16.77
N CYS C 193 -34.72 10.25 -15.53
CA CYS C 193 -35.53 11.24 -14.84
C CYS C 193 -34.78 12.57 -14.63
N ILE C 194 -33.50 12.48 -14.26
CA ILE C 194 -32.69 13.67 -13.97
C ILE C 194 -32.44 14.49 -15.23
N PHE C 195 -32.14 13.80 -16.33
CA PHE C 195 -31.99 14.41 -17.65
C PHE C 195 -33.26 15.20 -18.00
N ALA C 196 -34.40 14.54 -17.90
CA ALA C 196 -35.69 15.18 -18.13
C ALA C 196 -35.91 16.38 -17.22
N GLU C 197 -35.51 16.25 -15.95
CA GLU C 197 -35.66 17.31 -14.96
C GLU C 197 -34.77 18.53 -15.25
N MET C 198 -33.57 18.31 -15.78
CA MET C 198 -32.69 19.43 -16.16
C MET C 198 -33.28 20.31 -17.27
N VAL C 199 -34.04 19.69 -18.18
CA VAL C 199 -34.63 20.40 -19.33
C VAL C 199 -35.78 21.31 -18.89
N THR C 200 -36.81 20.71 -18.31
CA THR C 200 -38.02 21.42 -17.89
C THR C 200 -37.79 22.24 -16.61
N ARG C 201 -36.79 21.82 -15.82
CA ARG C 201 -36.50 22.42 -14.51
C ARG C 201 -37.56 22.04 -13.46
N ARG C 202 -38.32 21.00 -13.77
CA ARG C 202 -39.31 20.41 -12.85
C ARG C 202 -39.19 18.90 -12.90
N ALA C 203 -39.42 18.25 -11.76
CA ALA C 203 -39.38 16.78 -11.67
C ALA C 203 -40.26 16.13 -12.72
N LEU C 204 -39.79 15.02 -13.29
CA LEU C 204 -40.55 14.29 -14.30
C LEU C 204 -41.76 13.60 -13.69
N PHE C 205 -41.53 12.87 -12.60
CA PHE C 205 -42.57 12.10 -11.93
C PHE C 205 -42.58 12.39 -10.42
N PRO C 206 -43.26 13.47 -10.01
CA PRO C 206 -43.30 13.87 -8.59
C PRO C 206 -44.41 13.16 -7.80
N GLY C 207 -44.28 11.84 -7.67
CA GLY C 207 -45.30 11.01 -7.02
C GLY C 207 -45.40 11.16 -5.51
N ASP C 208 -46.60 10.92 -4.98
CA ASP C 208 -46.88 11.04 -3.56
C ASP C 208 -46.78 9.72 -2.79
N SER C 209 -46.86 8.60 -3.51
CA SER C 209 -46.82 7.26 -2.92
C SER C 209 -46.38 6.26 -3.98
N GLU C 210 -46.30 4.98 -3.61
CA GLU C 210 -45.89 3.93 -4.55
C GLU C 210 -46.86 3.78 -5.71
N ILE C 211 -48.15 3.68 -5.39
CA ILE C 211 -49.19 3.57 -6.43
C ILE C 211 -49.26 4.83 -7.30
N ASP C 212 -49.23 6.00 -6.68
CA ASP C 212 -49.24 7.27 -7.43
C ASP C 212 -48.04 7.40 -8.36
N GLN C 213 -46.86 6.99 -7.88
CA GLN C 213 -45.62 7.00 -8.66
C GLN C 213 -45.77 6.11 -9.89
N LEU C 214 -46.18 4.86 -9.68
CA LEU C 214 -46.48 3.91 -10.77
C LEU C 214 -47.47 4.51 -11.78
N PHE C 215 -48.46 5.23 -11.27
CA PHE C 215 -49.49 5.85 -12.12
C PHE C 215 -48.93 6.95 -13.02
N ARG C 216 -48.14 7.85 -12.45
CA ARG C 216 -47.56 8.97 -13.20
C ARG C 216 -46.67 8.50 -14.35
N ILE C 217 -46.06 7.33 -14.18
CA ILE C 217 -45.22 6.73 -15.21
C ILE C 217 -46.10 6.01 -16.25
N PHE C 218 -47.04 5.21 -15.77
CA PHE C 218 -47.99 4.50 -16.63
C PHE C 218 -48.76 5.47 -17.53
N ARG C 219 -49.18 6.60 -16.99
CA ARG C 219 -49.88 7.61 -17.80
C ARG C 219 -48.95 8.40 -18.71
N THR C 220 -47.64 8.23 -18.54
CA THR C 220 -46.65 8.87 -19.40
C THR C 220 -46.18 7.91 -20.50
N LEU C 221 -45.98 6.65 -20.13
CA LEU C 221 -45.37 5.67 -21.02
C LEU C 221 -46.34 4.63 -21.54
N GLY C 222 -47.52 4.56 -20.94
CA GLY C 222 -48.47 3.49 -21.22
C GLY C 222 -48.19 2.27 -20.36
N THR C 223 -49.26 1.61 -19.91
CA THR C 223 -49.16 0.41 -19.09
C THR C 223 -48.46 -0.70 -19.88
N PRO C 224 -47.37 -1.26 -19.33
CA PRO C 224 -46.66 -2.35 -20.02
C PRO C 224 -47.46 -3.65 -20.00
N ASP C 225 -47.37 -4.41 -21.09
CA ASP C 225 -48.06 -5.69 -21.23
C ASP C 225 -47.06 -6.81 -21.53
N GLU C 226 -47.58 -8.00 -21.81
CA GLU C 226 -46.76 -9.21 -21.97
C GLU C 226 -45.90 -9.27 -23.24
N VAL C 227 -46.12 -8.34 -24.17
CA VAL C 227 -45.30 -8.29 -25.40
C VAL C 227 -44.20 -7.22 -25.32
N VAL C 228 -44.50 -6.11 -24.65
CA VAL C 228 -43.54 -5.00 -24.50
C VAL C 228 -42.49 -5.34 -23.42
N TRP C 229 -42.91 -6.08 -22.41
CA TRP C 229 -42.02 -6.55 -21.35
C TRP C 229 -42.49 -7.92 -20.95
N PRO C 230 -41.95 -8.97 -21.60
CA PRO C 230 -42.38 -10.35 -21.42
C PRO C 230 -42.31 -10.84 -19.97
N GLY C 231 -43.43 -10.77 -19.27
CA GLY C 231 -43.54 -11.29 -17.91
C GLY C 231 -44.08 -10.32 -16.87
N VAL C 232 -44.70 -9.22 -17.31
CA VAL C 232 -45.27 -8.22 -16.40
C VAL C 232 -46.41 -8.81 -15.57
N THR C 233 -47.28 -9.59 -16.21
CA THR C 233 -48.52 -10.08 -15.58
C THR C 233 -48.32 -11.02 -14.39
N SER C 234 -47.29 -11.86 -14.46
CA SER C 234 -47.00 -12.83 -13.40
C SER C 234 -45.82 -12.43 -12.51
N MET C 235 -45.87 -11.21 -11.99
CA MET C 235 -44.89 -10.71 -11.04
C MET C 235 -45.57 -10.38 -9.70
N PRO C 236 -44.83 -10.54 -8.58
CA PRO C 236 -45.36 -10.07 -7.29
C PRO C 236 -45.63 -8.56 -7.33
N ASP C 237 -46.54 -8.09 -6.49
CA ASP C 237 -46.99 -6.68 -6.47
C ASP C 237 -47.66 -6.20 -7.76
N TYR C 238 -47.79 -7.08 -8.74
CA TYR C 238 -48.54 -6.76 -9.97
C TYR C 238 -49.86 -7.51 -9.88
N LYS C 239 -50.95 -6.75 -9.94
CA LYS C 239 -52.30 -7.29 -9.83
C LYS C 239 -53.09 -7.09 -11.12
N PRO C 240 -54.00 -8.04 -11.44
CA PRO C 240 -55.00 -7.83 -12.49
C PRO C 240 -55.81 -6.53 -12.31
N SER C 241 -55.86 -6.04 -11.07
CA SER C 241 -56.50 -4.76 -10.73
C SER C 241 -55.97 -3.59 -11.54
N PHE C 242 -54.70 -3.65 -11.94
CA PHE C 242 -54.07 -2.63 -12.78
C PHE C 242 -54.78 -2.50 -14.12
N PRO C 243 -55.27 -1.28 -14.43
CA PRO C 243 -55.89 -1.02 -15.71
C PRO C 243 -54.85 -0.66 -16.78
N LYS C 244 -55.10 -1.09 -18.02
CA LYS C 244 -54.19 -0.85 -19.14
C LYS C 244 -54.50 0.46 -19.84
N TRP C 245 -53.50 1.34 -19.95
CA TRP C 245 -53.70 2.66 -20.54
C TRP C 245 -52.82 2.94 -21.73
N ALA C 246 -53.34 3.79 -22.62
CA ALA C 246 -52.67 4.13 -23.87
C ALA C 246 -51.34 4.87 -23.64
N ARG C 247 -50.35 4.53 -24.46
CA ARG C 247 -49.05 5.20 -24.44
C ARG C 247 -49.12 6.50 -25.25
N GLN C 248 -48.66 7.60 -24.65
CA GLN C 248 -48.52 8.84 -25.39
C GLN C 248 -47.27 8.73 -26.24
N ASP C 249 -47.32 9.26 -27.46
CA ASP C 249 -46.12 9.35 -28.29
C ASP C 249 -45.09 10.16 -27.49
N PHE C 250 -43.82 9.85 -27.69
CA PHE C 250 -42.78 10.37 -26.80
C PHE C 250 -42.54 11.88 -26.87
N SER C 251 -42.92 12.48 -27.99
CA SER C 251 -42.93 13.94 -28.12
C SER C 251 -43.96 14.51 -27.15
N LYS C 252 -43.64 15.66 -26.55
CA LYS C 252 -44.50 16.33 -25.55
C LYS C 252 -44.32 15.77 -24.12
N VAL C 253 -43.59 14.66 -23.99
CA VAL C 253 -43.19 14.15 -22.66
C VAL C 253 -42.13 15.10 -22.11
N VAL C 254 -41.12 15.39 -22.92
CA VAL C 254 -40.21 16.49 -22.67
C VAL C 254 -40.23 17.35 -23.93
N PRO C 255 -41.12 18.36 -23.95
CA PRO C 255 -41.34 19.21 -25.13
C PRO C 255 -40.09 19.92 -25.71
N PRO C 256 -39.19 20.48 -24.87
CA PRO C 256 -38.09 21.25 -25.47
C PRO C 256 -36.96 20.40 -26.08
N LEU C 257 -37.15 19.08 -26.10
CA LEU C 257 -36.13 18.17 -26.64
C LEU C 257 -36.22 17.96 -28.15
N ASP C 258 -35.06 17.98 -28.79
CA ASP C 258 -34.91 17.68 -30.21
C ASP C 258 -35.08 16.17 -30.46
N GLU C 259 -34.97 15.75 -31.72
CA GLU C 259 -35.12 14.34 -32.10
C GLU C 259 -34.16 13.41 -31.36
N ASP C 260 -32.87 13.78 -31.34
CA ASP C 260 -31.83 12.97 -30.70
C ASP C 260 -32.00 12.82 -29.19
N GLY C 261 -32.35 13.92 -28.51
CA GLY C 261 -32.61 13.90 -27.08
C GLY C 261 -33.72 12.92 -26.71
N ARG C 262 -34.82 12.98 -27.47
CA ARG C 262 -36.00 12.13 -27.24
C ARG C 262 -35.70 10.63 -27.40
N SER C 263 -34.93 10.29 -28.43
CA SER C 263 -34.53 8.91 -28.67
C SER C 263 -33.74 8.34 -27.47
N LEU C 264 -32.73 9.09 -27.04
CA LEU C 264 -31.91 8.72 -25.88
C LEU C 264 -32.77 8.52 -24.65
N LEU C 265 -33.58 9.53 -24.34
CA LEU C 265 -34.47 9.50 -23.19
C LEU C 265 -35.43 8.30 -23.20
N SER C 266 -35.98 7.99 -24.37
CA SER C 266 -36.91 6.86 -24.52
C SER C 266 -36.25 5.49 -24.25
N GLN C 267 -34.99 5.35 -24.65
CA GLN C 267 -34.24 4.13 -24.39
C GLN C 267 -33.80 4.04 -22.92
N MET C 268 -33.51 5.19 -22.31
CA MET C 268 -33.22 5.28 -20.88
C MET C 268 -34.46 4.96 -20.03
N LEU C 269 -35.64 5.15 -20.62
CA LEU C 269 -36.91 4.93 -19.90
C LEU C 269 -37.72 3.72 -20.38
N HIS C 270 -37.07 2.77 -21.06
CA HIS C 270 -37.71 1.54 -21.52
C HIS C 270 -38.16 0.72 -20.34
N TYR C 271 -39.26 -0.02 -20.50
CA TYR C 271 -39.82 -0.84 -19.42
C TYR C 271 -39.02 -2.10 -19.10
N ASP C 272 -38.70 -2.88 -20.14
CA ASP C 272 -37.93 -4.11 -19.99
C ASP C 272 -36.48 -3.78 -19.63
N PRO C 273 -36.02 -4.21 -18.43
CA PRO C 273 -34.66 -3.91 -17.98
C PRO C 273 -33.59 -4.33 -19.00
N ASN C 274 -33.77 -5.50 -19.62
CA ASN C 274 -32.84 -6.00 -20.63
C ASN C 274 -32.79 -5.12 -21.88
N LYS C 275 -33.95 -4.55 -22.24
CA LYS C 275 -34.06 -3.64 -23.38
C LYS C 275 -33.46 -2.27 -23.08
N ARG C 276 -33.56 -1.84 -21.82
CA ARG C 276 -33.12 -0.52 -21.40
C ARG C 276 -31.63 -0.33 -21.68
N ILE C 277 -31.29 0.82 -22.25
CA ILE C 277 -29.93 1.12 -22.66
C ILE C 277 -28.95 1.14 -21.48
N SER C 278 -27.74 0.65 -21.72
CA SER C 278 -26.68 0.72 -20.73
C SER C 278 -26.07 2.12 -20.76
N ALA C 279 -25.32 2.46 -19.70
CA ALA C 279 -24.60 3.73 -19.65
C ALA C 279 -23.59 3.75 -20.77
N LYS C 280 -22.91 2.61 -20.94
CA LYS C 280 -21.88 2.41 -21.96
C LYS C 280 -22.40 2.73 -23.35
N ALA C 281 -23.50 2.09 -23.74
CA ALA C 281 -24.10 2.32 -25.06
C ALA C 281 -24.66 3.73 -25.24
N ALA C 282 -25.20 4.31 -24.16
CA ALA C 282 -25.71 5.69 -24.19
C ALA C 282 -24.62 6.71 -24.56
N LEU C 283 -23.38 6.45 -24.13
CA LEU C 283 -22.23 7.28 -24.50
C LEU C 283 -22.03 7.38 -26.01
N ALA C 284 -22.42 6.31 -26.72
CA ALA C 284 -22.27 6.24 -28.17
C ALA C 284 -23.47 6.80 -28.95
N HIS C 285 -24.36 7.49 -28.25
CA HIS C 285 -25.56 8.07 -28.87
C HIS C 285 -25.26 9.34 -29.60
N PRO C 286 -25.86 9.52 -30.81
CA PRO C 286 -25.73 10.72 -31.64
C PRO C 286 -25.97 12.05 -30.90
N PHE C 287 -26.77 12.01 -29.83
CA PHE C 287 -27.01 13.19 -29.01
C PHE C 287 -25.70 13.84 -28.53
N PHE C 288 -24.70 13.01 -28.27
CA PHE C 288 -23.45 13.50 -27.72
C PHE C 288 -22.38 13.79 -28.78
N GLN C 289 -22.68 13.55 -30.05
CA GLN C 289 -21.72 13.77 -31.14
C GLN C 289 -21.06 15.15 -31.07
N ASP C 290 -21.83 16.15 -30.65
CA ASP C 290 -21.36 17.53 -30.59
C ASP C 290 -21.20 18.08 -29.15
N VAL C 291 -21.00 17.19 -28.18
CA VAL C 291 -20.88 17.60 -26.78
C VAL C 291 -19.60 18.39 -26.48
N THR C 292 -19.70 19.38 -25.61
CA THR C 292 -18.55 20.15 -25.14
C THR C 292 -18.54 20.17 -23.61
N LYS C 293 -17.76 21.08 -23.02
CA LYS C 293 -17.73 21.26 -21.57
C LYS C 293 -17.90 22.74 -21.19
N PRO C 294 -19.15 23.25 -21.22
CA PRO C 294 -19.43 24.65 -20.88
C PRO C 294 -19.39 24.93 -19.38
N VAL C 295 -19.02 26.15 -19.01
CA VAL C 295 -18.98 26.60 -17.62
C VAL C 295 -20.35 27.19 -17.23
N PRO C 296 -20.93 26.74 -16.10
CA PRO C 296 -22.24 27.22 -15.63
C PRO C 296 -22.25 28.70 -15.22
N HIS C 297 -23.43 29.32 -15.24
N HIS C 297 -23.44 29.31 -15.24
CA HIS C 297 -23.58 30.75 -14.98
CA HIS C 297 -23.60 30.75 -14.97
C HIS C 297 -23.31 31.15 -13.55
C HIS C 297 -23.30 31.14 -13.54
N LEU C 298 -23.60 30.24 -12.61
CA LEU C 298 -23.35 30.44 -11.16
C LEU C 298 -23.82 31.79 -10.59
N PRO D 2 -24.93 -6.90 -18.52
CA PRO D 2 -25.27 -7.07 -19.93
C PRO D 2 -24.07 -6.71 -20.84
N ASP D 3 -23.78 -5.43 -20.95
CA ASP D 3 -22.61 -4.94 -21.70
C ASP D 3 -21.34 -5.09 -20.86
N TYR D 4 -21.52 -5.33 -19.55
CA TYR D 4 -20.44 -5.24 -18.57
C TYR D 4 -19.86 -6.59 -18.12
N HIS D 5 -20.39 -7.69 -18.65
CA HIS D 5 -19.94 -9.03 -18.24
C HIS D 5 -18.44 -9.18 -18.30
N GLU D 6 -17.83 -8.75 -19.41
CA GLU D 6 -16.39 -8.86 -19.59
C GLU D 6 -15.55 -7.78 -18.90
N ASP D 7 -16.06 -6.55 -18.85
CA ASP D 7 -15.42 -5.48 -18.08
C ASP D 7 -15.26 -5.90 -16.62
N ILE D 8 -16.31 -6.50 -16.06
CA ILE D 8 -16.32 -6.96 -14.67
C ILE D 8 -15.36 -8.12 -14.43
N HIS D 9 -15.34 -9.09 -15.36
CA HIS D 9 -14.45 -10.25 -15.23
C HIS D 9 -13.01 -9.85 -15.24
N THR D 10 -12.66 -8.94 -16.15
CA THR D 10 -11.30 -8.42 -16.25
C THR D 10 -10.94 -7.69 -14.95
N TYR D 11 -11.88 -6.87 -14.47
CA TYR D 11 -11.68 -6.15 -13.22
C TYR D 11 -11.46 -7.10 -12.04
N LEU D 12 -12.28 -8.14 -11.95
CA LEU D 12 -12.17 -9.11 -10.86
C LEU D 12 -10.86 -9.92 -10.93
N ARG D 13 -10.37 -10.15 -12.15
CA ARG D 13 -9.08 -10.81 -12.33
C ARG D 13 -7.93 -9.95 -11.81
N GLU D 14 -8.02 -8.64 -12.03
CA GLU D 14 -7.07 -7.68 -11.47
C GLU D 14 -7.14 -7.65 -9.94
N MET D 15 -8.34 -7.65 -9.39
CA MET D 15 -8.51 -7.47 -7.94
C MET D 15 -8.14 -8.70 -7.10
N GLU D 16 -8.36 -9.90 -7.62
CA GLU D 16 -8.03 -11.14 -6.88
C GLU D 16 -6.52 -11.29 -6.61
N VAL D 17 -5.70 -10.68 -7.46
CA VAL D 17 -4.25 -10.64 -7.25
C VAL D 17 -3.96 -9.68 -6.09
N LYS D 18 -4.65 -8.55 -6.05
CA LYS D 18 -4.44 -7.54 -5.02
C LYS D 18 -5.01 -7.94 -3.64
N CYS D 19 -6.08 -8.74 -3.62
CA CYS D 19 -6.74 -9.16 -2.37
C CYS D 19 -6.25 -10.50 -1.85
N LYS D 20 -5.19 -11.02 -2.47
CA LYS D 20 -4.68 -12.35 -2.13
C LYS D 20 -3.91 -12.32 -0.80
N PRO D 21 -4.19 -13.28 0.08
CA PRO D 21 -3.45 -13.40 1.34
C PRO D 21 -1.99 -13.78 1.08
N LYS D 22 -1.14 -13.51 2.06
CA LYS D 22 0.28 -13.91 2.03
C LYS D 22 0.38 -15.45 2.04
N VAL D 23 0.85 -16.01 0.93
CA VAL D 23 0.83 -17.47 0.67
C VAL D 23 1.22 -18.37 1.84
N GLY D 24 2.37 -18.10 2.45
CA GLY D 24 2.83 -18.93 3.55
C GLY D 24 2.87 -18.21 4.88
N TYR D 25 1.77 -17.57 5.24
CA TYR D 25 1.72 -16.79 6.48
C TYR D 25 1.67 -17.65 7.73
N MET D 26 1.09 -18.85 7.61
CA MET D 26 0.88 -19.71 8.77
C MET D 26 2.21 -20.16 9.38
N LYS D 27 3.23 -20.27 8.54
CA LYS D 27 4.60 -20.54 8.98
C LYS D 27 5.16 -19.38 9.81
N LYS D 28 4.59 -18.19 9.64
CA LYS D 28 4.99 -17.00 10.40
C LYS D 28 4.15 -16.79 11.68
N GLN D 29 3.02 -17.47 11.77
CA GLN D 29 2.16 -17.46 12.96
C GLN D 29 2.66 -18.43 14.03
N PRO D 30 3.23 -17.92 15.14
CA PRO D 30 3.87 -18.82 16.11
C PRO D 30 2.92 -19.63 17.01
N ASP D 31 1.65 -19.26 17.07
CA ASP D 31 0.72 -19.90 18.01
C ASP D 31 -0.43 -20.65 17.33
N ILE D 32 -0.61 -20.44 16.03
CA ILE D 32 -1.70 -21.09 15.31
C ILE D 32 -1.26 -21.90 14.09
N THR D 33 -2.08 -22.87 13.68
CA THR D 33 -1.75 -23.79 12.60
C THR D 33 -2.88 -23.87 11.58
N ASN D 34 -2.60 -24.50 10.43
CA ASN D 34 -3.63 -24.76 9.41
C ASN D 34 -4.80 -25.61 9.95
N SER D 35 -4.49 -26.53 10.86
CA SER D 35 -5.52 -27.34 11.50
C SER D 35 -6.47 -26.47 12.31
N MET D 36 -5.92 -25.49 13.03
CA MET D 36 -6.74 -24.55 13.79
C MET D 36 -7.59 -23.71 12.85
N ARG D 37 -7.03 -23.38 11.69
CA ARG D 37 -7.73 -22.62 10.67
C ARG D 37 -8.91 -23.41 10.12
N ALA D 38 -8.70 -24.72 9.92
CA ALA D 38 -9.74 -25.65 9.46
C ALA D 38 -10.94 -25.71 10.39
N ILE D 39 -10.67 -25.79 11.70
CA ILE D 39 -11.72 -25.80 12.71
C ILE D 39 -12.54 -24.53 12.62
N LEU D 40 -11.85 -23.38 12.53
CA LEU D 40 -12.49 -22.09 12.46
C LEU D 40 -13.39 -21.95 11.24
N VAL D 41 -12.86 -22.30 10.06
CA VAL D 41 -13.61 -22.18 8.82
C VAL D 41 -14.83 -23.12 8.85
N ASP D 42 -14.64 -24.30 9.42
CA ASP D 42 -15.75 -25.27 9.55
C ASP D 42 -16.86 -24.71 10.43
N TRP D 43 -16.47 -24.07 11.52
CA TRP D 43 -17.42 -23.45 12.45
C TRP D 43 -18.21 -22.33 11.79
N LEU D 44 -17.56 -21.55 10.93
CA LEU D 44 -18.22 -20.46 10.19
C LEU D 44 -19.21 -21.00 9.18
N VAL D 45 -18.90 -22.17 8.62
CA VAL D 45 -19.85 -22.90 7.78
C VAL D 45 -21.12 -23.17 8.60
N GLU D 46 -20.96 -23.68 9.83
CA GLU D 46 -22.09 -23.88 10.74
C GLU D 46 -22.89 -22.61 10.97
N VAL D 47 -22.19 -21.53 11.33
CA VAL D 47 -22.83 -20.25 11.61
C VAL D 47 -23.69 -19.79 10.44
N GLY D 48 -23.13 -19.89 9.22
CA GLY D 48 -23.83 -19.53 7.99
C GLY D 48 -25.14 -20.28 7.79
N GLU D 49 -25.11 -21.61 8.00
CA GLU D 49 -26.32 -22.43 7.94
C GLU D 49 -27.29 -22.04 9.05
N GLU D 50 -26.81 -22.14 10.29
CA GLU D 50 -27.53 -21.69 11.48
C GLU D 50 -28.30 -20.38 11.28
N TYR D 51 -27.69 -19.40 10.62
CA TYR D 51 -28.33 -18.10 10.41
C TYR D 51 -28.77 -17.81 8.96
N LYS D 52 -28.71 -18.84 8.12
CA LYS D 52 -29.14 -18.77 6.71
C LYS D 52 -28.47 -17.65 5.90
N LEU D 53 -27.15 -17.58 6.03
CA LEU D 53 -26.35 -16.59 5.33
C LEU D 53 -25.98 -17.09 3.94
N GLN D 54 -25.71 -16.15 3.03
CA GLN D 54 -25.30 -16.49 1.67
C GLN D 54 -23.94 -17.16 1.69
N ASN D 55 -23.64 -17.97 0.69
CA ASN D 55 -22.32 -18.58 0.56
C ASN D 55 -21.24 -17.53 0.31
N GLU D 56 -21.65 -16.42 -0.30
CA GLU D 56 -20.75 -15.32 -0.63
C GLU D 56 -20.23 -14.65 0.65
N THR D 57 -21.08 -14.57 1.67
CA THR D 57 -20.71 -14.06 2.99
C THR D 57 -19.60 -14.91 3.61
N LEU D 58 -19.74 -16.22 3.46
CA LEU D 58 -18.80 -17.17 4.02
C LEU D 58 -17.43 -17.02 3.34
N HIS D 59 -17.45 -16.87 2.02
CA HIS D 59 -16.22 -16.72 1.25
C HIS D 59 -15.51 -15.43 1.56
N LEU D 60 -16.29 -14.36 1.72
CA LEU D 60 -15.74 -13.06 2.10
C LEU D 60 -15.08 -13.13 3.48
N ALA D 61 -15.75 -13.77 4.43
CA ALA D 61 -15.22 -13.86 5.79
C ALA D 61 -13.84 -14.49 5.82
N VAL D 62 -13.69 -15.60 5.10
CA VAL D 62 -12.44 -16.34 5.05
C VAL D 62 -11.31 -15.48 4.47
N ASN D 63 -11.60 -14.82 3.34
CA ASN D 63 -10.67 -13.86 2.73
C ASN D 63 -10.24 -12.78 3.73
N TYR D 64 -11.18 -12.29 4.54
CA TYR D 64 -10.89 -11.28 5.56
C TYR D 64 -9.98 -11.86 6.63
N ILE D 65 -10.26 -13.10 7.06
CA ILE D 65 -9.44 -13.76 8.08
C ILE D 65 -8.04 -14.02 7.55
N ASP D 66 -7.95 -14.49 6.31
CA ASP D 66 -6.66 -14.83 5.73
C ASP D 66 -5.80 -13.58 5.55
N ARG D 67 -6.42 -12.49 5.09
CA ARG D 67 -5.69 -11.24 4.95
C ARG D 67 -5.28 -10.71 6.32
N PHE D 68 -6.18 -10.79 7.30
CA PHE D 68 -5.88 -10.27 8.63
C PHE D 68 -4.70 -11.02 9.24
N LEU D 69 -4.71 -12.35 9.09
CA LEU D 69 -3.65 -13.19 9.64
C LEU D 69 -2.32 -13.07 8.87
N SER D 70 -2.39 -12.55 7.65
CA SER D 70 -1.20 -12.25 6.87
C SER D 70 -0.36 -11.12 7.46
N SER D 71 -1.00 -10.23 8.25
CA SER D 71 -0.35 -9.05 8.84
C SER D 71 -0.26 -9.07 10.37
N MET D 72 -1.12 -9.84 11.02
CA MET D 72 -1.27 -9.77 12.48
C MET D 72 -1.09 -11.12 13.15
N SER D 73 -0.12 -11.21 14.06
CA SER D 73 0.04 -12.41 14.88
C SER D 73 -1.13 -12.52 15.84
N VAL D 74 -1.74 -13.70 15.91
CA VAL D 74 -2.89 -13.89 16.78
C VAL D 74 -2.68 -15.13 17.65
N LEU D 75 -2.94 -14.99 18.94
CA LEU D 75 -2.91 -16.12 19.85
C LEU D 75 -4.11 -17.03 19.61
N ARG D 76 -3.91 -18.31 19.92
CA ARG D 76 -4.92 -19.35 19.75
C ARG D 76 -6.27 -19.03 20.40
N GLY D 77 -6.23 -18.47 21.61
CA GLY D 77 -7.45 -18.12 22.34
C GLY D 77 -8.22 -16.99 21.70
N LYS D 78 -7.55 -16.24 20.83
CA LYS D 78 -8.15 -15.07 20.17
C LYS D 78 -8.58 -15.32 18.73
N LEU D 79 -8.26 -16.50 18.19
CA LEU D 79 -8.56 -16.85 16.80
C LEU D 79 -10.06 -16.86 16.46
N GLN D 80 -10.88 -17.41 17.35
CA GLN D 80 -12.32 -17.39 17.11
C GLN D 80 -12.88 -15.95 17.16
N LEU D 81 -12.25 -15.07 17.94
CA LEU D 81 -12.68 -13.66 17.98
C LEU D 81 -12.46 -13.00 16.62
N VAL D 82 -11.29 -13.23 16.02
CA VAL D 82 -11.00 -12.78 14.66
C VAL D 82 -12.05 -13.29 13.68
N GLY D 83 -12.32 -14.59 13.72
CA GLY D 83 -13.35 -15.22 12.87
C GLY D 83 -14.74 -14.62 13.00
N THR D 84 -15.20 -14.41 14.24
CA THR D 84 -16.51 -13.77 14.51
C THR D 84 -16.62 -12.36 13.92
N ALA D 85 -15.61 -11.52 14.15
CA ALA D 85 -15.61 -10.17 13.58
C ALA D 85 -15.63 -10.21 12.06
N ALA D 86 -14.86 -11.13 11.48
CA ALA D 86 -14.82 -11.30 10.02
C ALA D 86 -16.20 -11.62 9.44
N MET D 87 -16.94 -12.52 10.10
CA MET D 87 -18.27 -12.92 9.65
C MET D 87 -19.27 -11.78 9.80
N LEU D 88 -19.14 -11.03 10.89
CA LEU D 88 -19.97 -9.86 11.15
C LEU D 88 -19.79 -8.82 10.05
N LEU D 89 -18.54 -8.55 9.69
CA LEU D 89 -18.22 -7.58 8.63
C LEU D 89 -18.75 -8.04 7.29
N ALA D 90 -18.55 -9.31 6.97
CA ALA D 90 -18.98 -9.86 5.70
C ALA D 90 -20.51 -9.82 5.59
N SER D 91 -21.18 -10.06 6.71
CA SER D 91 -22.64 -9.96 6.79
C SER D 91 -23.10 -8.54 6.49
N LYS D 92 -22.52 -7.56 7.19
CA LYS D 92 -22.85 -6.15 6.95
C LYS D 92 -22.59 -5.74 5.50
N PHE D 93 -21.51 -6.25 4.91
CA PHE D 93 -21.16 -5.94 3.53
C PHE D 93 -22.19 -6.56 2.58
N GLU D 94 -22.44 -7.86 2.77
CA GLU D 94 -23.10 -8.67 1.75
C GLU D 94 -24.60 -8.91 1.93
N GLU D 95 -25.06 -9.08 3.17
CA GLU D 95 -26.44 -9.50 3.45
C GLU D 95 -27.44 -8.37 3.42
N ILE D 96 -28.67 -8.66 2.98
CA ILE D 96 -29.78 -7.70 3.08
C ILE D 96 -30.14 -7.47 4.56
N TYR D 97 -30.28 -8.57 5.31
CA TYR D 97 -30.65 -8.52 6.72
C TYR D 97 -29.58 -9.26 7.53
N PRO D 98 -28.47 -8.57 7.86
CA PRO D 98 -27.46 -9.25 8.66
C PRO D 98 -27.94 -9.54 10.09
N PRO D 99 -27.44 -10.63 10.70
CA PRO D 99 -27.69 -10.87 12.12
C PRO D 99 -27.14 -9.72 12.96
N GLU D 100 -27.85 -9.35 14.03
CA GLU D 100 -27.37 -8.30 14.94
C GLU D 100 -26.14 -8.79 15.71
N VAL D 101 -25.35 -7.84 16.24
CA VAL D 101 -24.12 -8.17 16.96
C VAL D 101 -24.34 -9.21 18.08
N ALA D 102 -25.38 -9.00 18.89
CA ALA D 102 -25.74 -9.92 19.98
C ALA D 102 -25.73 -11.38 19.54
N GLU D 103 -26.23 -11.62 18.32
CA GLU D 103 -26.30 -12.96 17.77
C GLU D 103 -24.92 -13.54 17.48
N PHE D 104 -23.99 -12.69 17.03
CA PHE D 104 -22.61 -13.12 16.82
C PHE D 104 -21.92 -13.43 18.15
N VAL D 105 -22.27 -12.66 19.19
CA VAL D 105 -21.76 -12.91 20.54
C VAL D 105 -22.33 -14.24 21.08
N TYR D 106 -23.60 -14.49 20.78
CA TYR D 106 -24.27 -15.72 21.19
C TYR D 106 -23.56 -17.00 20.71
N ILE D 107 -23.32 -17.12 19.40
CA ILE D 107 -22.78 -18.37 18.83
C ILE D 107 -21.33 -18.71 19.12
N THR D 108 -20.60 -17.81 19.78
CA THR D 108 -19.28 -18.15 20.31
C THR D 108 -19.34 -18.65 21.77
N ASP D 109 -20.53 -19.07 22.19
CA ASP D 109 -20.84 -19.49 23.57
C ASP D 109 -20.77 -18.29 24.53
N ASP D 110 -19.92 -18.38 25.54
CA ASP D 110 -19.75 -17.29 26.49
C ASP D 110 -18.35 -16.67 26.42
N THR D 111 -17.48 -17.28 25.62
CA THR D 111 -16.04 -16.95 25.61
C THR D 111 -15.63 -15.47 25.39
N TYR D 112 -16.24 -14.81 24.42
CA TYR D 112 -15.97 -13.38 24.16
C TYR D 112 -17.14 -12.50 24.54
N THR D 113 -16.85 -11.24 24.91
CA THR D 113 -17.91 -10.29 25.24
C THR D 113 -18.33 -9.49 24.01
N LYS D 114 -19.48 -8.84 24.10
CA LYS D 114 -19.92 -7.93 23.05
C LYS D 114 -18.86 -6.86 22.77
N LYS D 115 -18.26 -6.32 23.83
CA LYS D 115 -17.24 -5.28 23.71
C LYS D 115 -16.04 -5.76 22.88
N GLN D 116 -15.63 -7.01 23.09
CA GLN D 116 -14.50 -7.58 22.36
C GLN D 116 -14.81 -7.75 20.89
N VAL D 117 -16.02 -8.23 20.58
CA VAL D 117 -16.46 -8.40 19.21
C VAL D 117 -16.50 -7.04 18.48
N LEU D 118 -17.04 -6.03 19.16
CA LEU D 118 -17.11 -4.68 18.59
C LEU D 118 -15.73 -4.06 18.31
N ARG D 119 -14.82 -4.18 19.27
N ARG D 119 -14.82 -4.19 19.27
CA ARG D 119 -13.48 -3.63 19.10
CA ARG D 119 -13.47 -3.65 19.13
C ARG D 119 -12.66 -4.41 18.07
C ARG D 119 -12.66 -4.42 18.10
N MET D 120 -12.87 -5.72 18.00
CA MET D 120 -12.22 -6.55 16.99
C MET D 120 -12.71 -6.19 15.59
N GLU D 121 -14.00 -5.91 15.46
CA GLU D 121 -14.55 -5.46 14.17
C GLU D 121 -13.79 -4.24 13.67
N HIS D 122 -13.56 -3.27 14.56
CA HIS D 122 -12.84 -2.06 14.23
C HIS D 122 -11.40 -2.34 13.89
N LEU D 123 -10.74 -3.18 14.66
CA LEU D 123 -9.36 -3.56 14.36
C LEU D 123 -9.25 -4.24 12.99
N VAL D 124 -10.14 -5.20 12.71
CA VAL D 124 -10.14 -5.84 11.40
C VAL D 124 -10.27 -4.80 10.26
N LEU D 125 -11.22 -3.87 10.40
CA LEU D 125 -11.40 -2.81 9.39
C LEU D 125 -10.14 -1.97 9.17
N LYS D 126 -9.46 -1.61 10.26
CA LYS D 126 -8.22 -0.84 10.17
C LYS D 126 -7.13 -1.64 9.45
N VAL D 127 -7.00 -2.92 9.81
CA VAL D 127 -5.98 -3.79 9.23
C VAL D 127 -6.22 -4.02 7.74
N LEU D 128 -7.48 -4.19 7.34
CA LEU D 128 -7.82 -4.37 5.93
C LEU D 128 -7.98 -3.03 5.22
N THR D 129 -7.69 -1.94 5.94
CA THR D 129 -7.91 -0.56 5.50
C THR D 129 -9.24 -0.40 4.75
N PHE D 130 -10.30 -0.98 5.30
CA PHE D 130 -11.66 -0.89 4.75
C PHE D 130 -11.84 -1.52 3.36
N ASP D 131 -10.85 -2.29 2.88
CA ASP D 131 -10.95 -2.88 1.54
C ASP D 131 -11.67 -4.22 1.58
N LEU D 132 -12.98 -4.17 1.47
CA LEU D 132 -13.82 -5.35 1.70
C LEU D 132 -14.42 -5.98 0.46
N ALA D 133 -14.32 -5.32 -0.68
CA ALA D 133 -14.98 -5.79 -1.90
C ALA D 133 -14.12 -6.81 -2.65
N ALA D 134 -13.87 -7.96 -2.03
CA ALA D 134 -12.93 -8.93 -2.57
C ALA D 134 -13.58 -9.96 -3.48
N PRO D 135 -12.89 -10.34 -4.57
CA PRO D 135 -13.35 -11.46 -5.38
C PRO D 135 -13.24 -12.75 -4.59
N THR D 136 -14.19 -13.63 -4.82
CA THR D 136 -14.22 -14.93 -4.16
C THR D 136 -14.39 -16.02 -5.21
N VAL D 137 -14.12 -17.26 -4.81
CA VAL D 137 -14.40 -18.42 -5.64
C VAL D 137 -15.83 -18.34 -6.18
N ASN D 138 -16.77 -18.06 -5.27
CA ASN D 138 -18.19 -17.97 -5.59
C ASN D 138 -18.54 -16.96 -6.68
N GLN D 139 -17.88 -15.79 -6.67
CA GLN D 139 -18.15 -14.75 -7.67
C GLN D 139 -17.70 -15.19 -9.06
N PHE D 140 -16.68 -16.05 -9.10
CA PHE D 140 -16.21 -16.58 -10.37
C PHE D 140 -17.06 -17.76 -10.81
N LEU D 141 -17.59 -18.52 -9.86
CA LEU D 141 -18.49 -19.63 -10.19
C LEU D 141 -19.79 -19.17 -10.85
N THR D 142 -20.46 -18.18 -10.25
CA THR D 142 -21.73 -17.67 -10.79
C THR D 142 -21.57 -17.17 -12.23
N GLN D 143 -20.47 -16.47 -12.48
CA GLN D 143 -20.10 -16.02 -13.81
C GLN D 143 -19.93 -17.20 -14.77
N TYR D 144 -19.26 -18.26 -14.30
CA TYR D 144 -19.00 -19.45 -15.11
C TYR D 144 -20.28 -20.19 -15.47
N PHE D 145 -21.23 -20.23 -14.52
CA PHE D 145 -22.48 -20.95 -14.71
C PHE D 145 -23.26 -20.45 -15.93
N LEU D 146 -23.17 -19.15 -16.21
CA LEU D 146 -23.83 -18.53 -17.36
C LEU D 146 -23.48 -19.24 -18.68
N HIS D 147 -22.35 -19.91 -18.70
CA HIS D 147 -21.88 -20.64 -19.88
C HIS D 147 -22.40 -22.05 -19.97
N GLN D 148 -23.41 -22.38 -19.17
CA GLN D 148 -24.07 -23.69 -19.25
C GLN D 148 -25.24 -23.66 -20.25
N GLN D 149 -25.27 -24.64 -21.14
CA GLN D 149 -26.30 -24.74 -22.16
C GLN D 149 -26.80 -26.19 -22.27
N PRO D 150 -27.82 -26.56 -21.49
CA PRO D 150 -28.62 -25.71 -20.60
C PRO D 150 -28.04 -25.61 -19.20
N ALA D 151 -28.74 -24.92 -18.30
CA ALA D 151 -28.32 -24.79 -16.91
C ALA D 151 -28.65 -26.06 -16.14
N ASN D 152 -27.70 -26.53 -15.34
CA ASN D 152 -27.88 -27.72 -14.52
C ASN D 152 -27.70 -27.40 -13.03
N CYS D 153 -28.74 -27.69 -12.25
CA CYS D 153 -28.77 -27.39 -10.81
C CYS D 153 -27.77 -28.21 -9.99
N LYS D 154 -27.62 -29.49 -10.33
CA LYS D 154 -26.68 -30.36 -9.64
C LYS D 154 -25.23 -29.97 -9.89
N VAL D 155 -24.92 -29.54 -11.11
CA VAL D 155 -23.57 -29.10 -11.46
C VAL D 155 -23.21 -27.86 -10.65
N GLU D 156 -24.14 -26.91 -10.59
CA GLU D 156 -23.96 -25.68 -9.83
C GLU D 156 -23.74 -25.96 -8.35
N SER D 157 -24.63 -26.75 -7.76
CA SER D 157 -24.55 -27.13 -6.35
C SER D 157 -23.27 -27.91 -6.01
N LEU D 158 -22.83 -28.78 -6.92
CA LEU D 158 -21.60 -29.54 -6.69
C LEU D 158 -20.36 -28.67 -6.87
N ALA D 159 -20.44 -27.70 -7.77
CA ALA D 159 -19.37 -26.74 -7.98
C ALA D 159 -19.18 -25.88 -6.73
N MET D 160 -20.30 -25.51 -6.12
CA MET D 160 -20.28 -24.76 -4.87
C MET D 160 -19.71 -25.57 -3.72
N PHE D 161 -20.10 -26.85 -3.64
CA PHE D 161 -19.59 -27.75 -2.61
C PHE D 161 -18.06 -27.89 -2.66
N LEU D 162 -17.53 -28.10 -3.86
CA LEU D 162 -16.09 -28.25 -4.04
C LEU D 162 -15.37 -26.94 -3.71
N GLY D 163 -15.89 -25.83 -4.24
CA GLY D 163 -15.34 -24.50 -3.98
C GLY D 163 -15.32 -24.19 -2.51
N GLU D 164 -16.36 -24.63 -1.80
CA GLU D 164 -16.48 -24.45 -0.36
C GLU D 164 -15.44 -25.28 0.40
N LEU D 165 -15.20 -26.50 -0.08
CA LEU D 165 -14.23 -27.40 0.54
C LEU D 165 -12.80 -26.86 0.47
N SER D 166 -12.50 -26.11 -0.58
CA SER D 166 -11.18 -25.51 -0.75
C SER D 166 -10.84 -24.52 0.36
N LEU D 167 -11.87 -23.98 1.02
CA LEU D 167 -11.73 -22.97 2.07
C LEU D 167 -11.15 -23.50 3.37
N ILE D 168 -11.39 -24.80 3.61
CA ILE D 168 -11.02 -25.46 4.86
C ILE D 168 -9.51 -25.66 4.96
N ASP D 169 -8.85 -25.92 3.84
CA ASP D 169 -7.45 -26.32 3.82
C ASP D 169 -6.54 -25.26 3.19
N ALA D 170 -5.93 -24.45 4.06
CA ALA D 170 -4.95 -23.43 3.65
C ALA D 170 -3.88 -24.07 2.75
N ASP D 171 -3.28 -25.16 3.24
CA ASP D 171 -2.45 -26.03 2.43
C ASP D 171 -3.35 -27.13 1.86
N PRO D 172 -3.49 -27.18 0.53
CA PRO D 172 -2.72 -26.45 -0.48
C PRO D 172 -3.37 -25.21 -1.11
N TYR D 173 -4.66 -24.97 -0.85
CA TYR D 173 -5.44 -24.04 -1.68
C TYR D 173 -5.10 -22.54 -1.59
N LEU D 174 -4.36 -22.14 -0.58
CA LEU D 174 -4.01 -20.73 -0.42
C LEU D 174 -3.09 -20.20 -1.52
N LYS D 175 -2.39 -21.10 -2.21
CA LYS D 175 -1.49 -20.68 -3.29
C LYS D 175 -2.21 -20.47 -4.62
N TYR D 176 -3.47 -20.91 -4.68
CA TYR D 176 -4.28 -20.75 -5.90
C TYR D 176 -5.23 -19.57 -5.80
N LEU D 177 -5.34 -18.80 -6.88
CA LEU D 177 -6.29 -17.68 -6.97
C LEU D 177 -7.74 -18.18 -7.11
N PRO D 178 -8.72 -17.41 -6.57
CA PRO D 178 -10.14 -17.77 -6.63
C PRO D 178 -10.66 -18.15 -8.02
N SER D 179 -10.15 -17.51 -9.06
CA SER D 179 -10.60 -17.79 -10.43
C SER D 179 -10.20 -19.20 -10.89
N VAL D 180 -9.00 -19.63 -10.48
CA VAL D 180 -8.48 -20.96 -10.80
C VAL D 180 -9.26 -22.03 -10.04
N ILE D 181 -9.41 -21.85 -8.72
CA ILE D 181 -10.17 -22.79 -7.89
C ILE D 181 -11.57 -22.98 -8.43
N ALA D 182 -12.21 -21.88 -8.81
CA ALA D 182 -13.54 -21.90 -9.41
C ALA D 182 -13.53 -22.67 -10.74
N GLY D 183 -12.48 -22.48 -11.53
CA GLY D 183 -12.30 -23.23 -12.78
C GLY D 183 -12.20 -24.73 -12.52
N ALA D 184 -11.24 -25.09 -11.66
CA ALA D 184 -11.06 -26.48 -11.24
C ALA D 184 -12.34 -27.08 -10.67
N ALA D 185 -13.07 -26.31 -9.88
CA ALA D 185 -14.33 -26.75 -9.28
C ALA D 185 -15.42 -26.99 -10.31
N PHE D 186 -15.58 -26.03 -11.23
CA PHE D 186 -16.61 -26.10 -12.26
C PHE D 186 -16.45 -27.34 -13.14
N HIS D 187 -15.20 -27.65 -13.49
CA HIS D 187 -14.89 -28.82 -14.30
C HIS D 187 -15.15 -30.10 -13.56
N LEU D 188 -14.53 -30.25 -12.38
CA LEU D 188 -14.66 -31.47 -11.58
C LEU D 188 -16.12 -31.86 -11.34
N ALA D 189 -16.95 -30.85 -11.07
CA ALA D 189 -18.38 -31.05 -10.84
C ALA D 189 -19.13 -31.39 -12.13
N LEU D 190 -18.74 -30.75 -13.23
CA LEU D 190 -19.36 -30.96 -14.53
C LEU D 190 -19.06 -32.37 -15.06
N TYR D 191 -17.81 -32.81 -14.90
CA TYR D 191 -17.39 -34.13 -15.34
C TYR D 191 -17.98 -35.26 -14.49
N THR D 192 -18.30 -34.97 -13.25
CA THR D 192 -18.92 -35.94 -12.34
C THR D 192 -20.39 -36.13 -12.70
N VAL D 193 -21.05 -35.06 -13.09
CA VAL D 193 -22.49 -35.07 -13.35
C VAL D 193 -22.83 -35.42 -14.80
N THR D 194 -22.24 -34.69 -15.75
CA THR D 194 -22.60 -34.82 -17.17
C THR D 194 -21.49 -35.46 -18.02
N GLY D 195 -20.39 -35.83 -17.38
CA GLY D 195 -19.24 -36.42 -18.08
C GLY D 195 -18.51 -35.48 -19.02
N GLN D 196 -18.96 -34.22 -19.06
CA GLN D 196 -18.42 -33.21 -19.96
C GLN D 196 -17.16 -32.53 -19.41
N SER D 197 -16.65 -31.54 -20.13
CA SER D 197 -15.40 -30.89 -19.76
C SER D 197 -15.48 -29.36 -19.72
N TRP D 198 -14.36 -28.75 -19.32
CA TRP D 198 -14.16 -27.30 -19.35
C TRP D 198 -14.48 -26.77 -20.72
N PRO D 199 -15.55 -25.97 -20.83
CA PRO D 199 -16.08 -25.48 -22.11
C PRO D 199 -15.10 -24.60 -22.90
N GLU D 200 -15.30 -24.54 -24.21
CA GLU D 200 -14.48 -23.72 -25.10
C GLU D 200 -14.68 -22.23 -24.80
N SER D 201 -15.92 -21.81 -24.62
CA SER D 201 -16.26 -20.41 -24.35
C SER D 201 -15.56 -19.84 -23.11
N LEU D 202 -15.36 -20.70 -22.11
CA LEU D 202 -14.67 -20.29 -20.89
C LEU D 202 -13.15 -20.19 -21.08
N ILE D 203 -12.63 -20.88 -22.10
CA ILE D 203 -11.22 -20.74 -22.47
C ILE D 203 -10.97 -19.36 -23.08
N ARG D 204 -11.87 -18.93 -23.97
CA ARG D 204 -11.80 -17.59 -24.57
C ARG D 204 -11.95 -16.49 -23.51
N LYS D 205 -12.81 -16.75 -22.53
CA LYS D 205 -13.06 -15.79 -21.45
C LYS D 205 -11.91 -15.76 -20.45
N THR D 206 -11.63 -16.91 -19.83
CA THR D 206 -10.70 -16.97 -18.71
C THR D 206 -9.23 -17.03 -19.14
N GLY D 207 -9.01 -17.59 -20.34
CA GLY D 207 -7.66 -17.85 -20.82
C GLY D 207 -7.06 -19.10 -20.20
N TYR D 208 -7.85 -19.79 -19.38
CA TYR D 208 -7.40 -21.02 -18.70
C TYR D 208 -7.70 -22.25 -19.54
N THR D 209 -6.77 -23.20 -19.52
CA THR D 209 -6.93 -24.48 -20.18
C THR D 209 -6.84 -25.59 -19.14
N LEU D 210 -7.13 -26.82 -19.57
CA LEU D 210 -7.08 -27.96 -18.68
C LEU D 210 -5.64 -28.18 -18.18
N GLU D 211 -4.67 -27.73 -18.98
CA GLU D 211 -3.27 -27.78 -18.61
C GLU D 211 -2.95 -26.69 -17.58
N SER D 212 -3.53 -25.50 -17.77
CA SER D 212 -3.40 -24.40 -16.80
C SER D 212 -4.00 -24.81 -15.46
N LEU D 213 -5.22 -25.34 -15.50
CA LEU D 213 -5.97 -25.74 -14.32
C LEU D 213 -5.52 -27.07 -13.72
N LYS D 214 -4.56 -27.72 -14.38
CA LYS D 214 -4.14 -29.07 -13.98
C LYS D 214 -3.73 -29.23 -12.51
N PRO D 215 -2.71 -28.46 -12.03
CA PRO D 215 -2.17 -28.73 -10.69
C PRO D 215 -3.19 -28.58 -9.56
N CYS D 216 -4.10 -27.60 -9.70
CA CYS D 216 -5.15 -27.37 -8.71
C CYS D 216 -6.19 -28.47 -8.78
N LEU D 217 -6.57 -28.83 -10.01
CA LEU D 217 -7.50 -29.94 -10.26
C LEU D 217 -7.02 -31.25 -9.63
N MET D 218 -5.70 -31.45 -9.64
CA MET D 218 -5.07 -32.60 -8.99
C MET D 218 -5.30 -32.58 -7.48
N ASP D 219 -4.99 -31.45 -6.85
CA ASP D 219 -5.22 -31.24 -5.42
C ASP D 219 -6.70 -31.38 -5.08
N LEU D 220 -7.55 -30.81 -5.93
CA LEU D 220 -8.99 -30.75 -5.67
C LEU D 220 -9.65 -32.12 -5.73
N HIS D 221 -9.16 -32.97 -6.63
CA HIS D 221 -9.67 -34.32 -6.76
C HIS D 221 -9.35 -35.13 -5.53
N GLN D 222 -8.13 -34.98 -5.02
CA GLN D 222 -7.72 -35.59 -3.76
C GLN D 222 -8.68 -35.23 -2.63
N THR D 223 -8.97 -33.94 -2.48
CA THR D 223 -9.84 -33.41 -1.42
C THR D 223 -11.29 -33.92 -1.54
N TYR D 224 -11.75 -34.09 -2.78
CA TYR D 224 -13.08 -34.67 -3.06
C TYR D 224 -13.16 -36.11 -2.54
N LEU D 225 -12.12 -36.89 -2.81
CA LEU D 225 -12.09 -38.31 -2.42
C LEU D 225 -11.93 -38.48 -0.91
N LYS D 226 -11.01 -37.73 -0.33
CA LYS D 226 -10.71 -37.85 1.11
C LYS D 226 -11.74 -37.14 1.99
N ALA D 227 -12.69 -36.44 1.37
CA ALA D 227 -13.69 -35.63 2.10
C ALA D 227 -14.35 -36.34 3.29
N PRO D 228 -14.87 -37.58 3.10
CA PRO D 228 -15.49 -38.30 4.22
C PRO D 228 -14.54 -38.65 5.38
N GLN D 229 -13.24 -38.77 5.09
CA GLN D 229 -12.23 -39.06 6.13
C GLN D 229 -11.63 -37.80 6.76
N HIS D 230 -12.10 -36.64 6.33
CA HIS D 230 -11.53 -35.37 6.81
C HIS D 230 -12.06 -34.94 8.15
N ALA D 231 -11.17 -34.38 8.97
CA ALA D 231 -11.51 -33.95 10.34
C ALA D 231 -12.73 -33.04 10.45
N GLN D 232 -12.95 -32.21 9.43
CA GLN D 232 -14.08 -31.26 9.45
C GLN D 232 -15.17 -31.74 8.51
N GLN D 233 -16.41 -31.68 8.98
CA GLN D 233 -17.52 -32.31 8.26
C GLN D 233 -18.74 -31.41 7.96
N SER D 234 -18.72 -30.17 8.46
CA SER D 234 -19.89 -29.28 8.34
C SER D 234 -20.34 -28.99 6.89
N ILE D 235 -19.38 -28.96 5.96
CA ILE D 235 -19.67 -28.66 4.56
C ILE D 235 -20.45 -29.80 3.88
N ARG D 236 -20.04 -31.04 4.16
CA ARG D 236 -20.74 -32.23 3.64
C ARG D 236 -22.16 -32.34 4.19
N GLU D 237 -22.35 -32.02 5.47
CA GLU D 237 -23.67 -32.02 6.10
C GLU D 237 -24.57 -30.96 5.45
N LYS D 238 -24.01 -29.78 5.24
CA LYS D 238 -24.70 -28.68 4.57
C LYS D 238 -25.27 -29.12 3.21
N TYR D 239 -24.41 -29.74 2.41
CA TYR D 239 -24.76 -30.14 1.05
C TYR D 239 -25.43 -31.52 0.98
N LYS D 240 -26.01 -31.95 2.11
CA LYS D 240 -26.86 -33.15 2.15
C LYS D 240 -28.34 -32.79 2.06
N ASN D 241 -28.65 -31.51 2.23
CA ASN D 241 -30.03 -31.02 2.10
C ASN D 241 -30.51 -30.97 0.66
N SER D 242 -31.83 -30.95 0.50
CA SER D 242 -32.47 -30.81 -0.82
C SER D 242 -32.18 -29.43 -1.44
N LYS D 243 -31.94 -28.45 -0.58
CA LYS D 243 -31.53 -27.11 -1.01
C LYS D 243 -30.38 -27.18 -2.01
N TYR D 244 -29.38 -28.00 -1.71
CA TYR D 244 -28.24 -28.18 -2.62
C TYR D 244 -28.25 -29.56 -3.29
N HIS D 245 -29.45 -30.08 -3.53
CA HIS D 245 -29.69 -31.31 -4.31
C HIS D 245 -28.88 -32.49 -3.86
N GLY D 246 -28.64 -32.58 -2.55
CA GLY D 246 -27.86 -33.66 -1.93
C GLY D 246 -26.57 -34.02 -2.64
N VAL D 247 -25.96 -33.04 -3.32
CA VAL D 247 -24.78 -33.27 -4.16
C VAL D 247 -23.58 -33.87 -3.42
N SER D 248 -23.51 -33.67 -2.10
CA SER D 248 -22.40 -34.18 -1.30
C SER D 248 -22.48 -35.70 -1.11
N LEU D 249 -23.65 -36.28 -1.37
CA LEU D 249 -23.86 -37.73 -1.26
C LEU D 249 -23.28 -38.52 -2.42
N LEU D 250 -23.05 -37.85 -3.56
CA LEU D 250 -22.53 -38.50 -4.76
C LEU D 250 -21.09 -39.01 -4.61
N ASN D 251 -20.61 -39.76 -5.60
CA ASN D 251 -19.30 -40.40 -5.55
C ASN D 251 -18.27 -39.73 -6.48
N PRO D 252 -17.04 -39.53 -5.97
CA PRO D 252 -15.95 -38.94 -6.76
C PRO D 252 -15.39 -39.91 -7.82
N PRO D 253 -15.09 -39.40 -9.03
CA PRO D 253 -14.64 -40.20 -10.17
C PRO D 253 -13.11 -40.31 -10.29
N GLU D 254 -12.59 -40.44 -11.51
CA GLU D 254 -11.14 -40.43 -11.81
C GLU D 254 -10.78 -39.65 -13.08
N THR D 255 -9.48 -39.48 -13.29
CA THR D 255 -8.94 -38.74 -14.44
C THR D 255 -9.32 -39.35 -15.79
MG MG E . 20.37 0.04 22.28
PG ATP F . 19.91 1.75 24.82
O1G ATP F . 19.69 1.03 26.12
O2G ATP F . 20.04 3.26 24.97
O3G ATP F . 20.96 1.12 23.93
PB ATP F . 18.13 2.34 22.67
O1B ATP F . 19.36 2.49 21.81
O2B ATP F . 17.39 3.61 23.04
O3B ATP F . 18.53 1.53 24.01
PA ATP F . 16.97 -0.23 21.89
O1A ATP F . 18.37 -0.77 22.05
O2A ATP F . 16.13 -0.58 20.68
O3A ATP F . 17.01 1.40 21.93
O5' ATP F . 16.12 -0.62 23.21
C5' ATP F . 16.76 -0.63 24.49
C4' ATP F . 16.71 -1.99 25.19
O4' ATP F . 15.33 -2.36 25.39
C3' ATP F . 17.35 -3.14 24.42
O3' ATP F . 18.75 -3.34 24.69
C2' ATP F . 16.53 -4.34 24.87
O2' ATP F . 17.12 -4.94 26.03
C1' ATP F . 15.15 -3.76 25.17
N9 ATP F . 14.35 -4.00 23.94
C8 ATP F . 14.29 -3.19 22.87
N7 ATP F . 13.50 -3.71 21.90
C5 ATP F . 13.03 -4.89 22.35
C6 ATP F . 12.15 -5.95 21.83
N6 ATP F . 11.60 -5.84 20.59
N1 ATP F . 11.92 -7.03 22.62
C2 ATP F . 12.48 -7.14 23.85
N3 ATP F . 13.29 -6.21 24.38
C4 ATP F . 13.61 -5.08 23.70
MG MG G . -2.53 22.58 -11.98
C1 SGM H . 8.17 4.52 -1.10
C2 SGM H . 8.05 3.21 -0.32
O2 SGM H . 9.34 2.59 -0.17
C3 SGM H . 7.10 2.26 -1.04
O3 SGM H . 7.39 0.91 -0.64
S1 SGM H . 9.82 5.29 -1.01
PG ATP I . -28.92 12.88 2.48
O1G ATP I . -28.68 14.22 3.12
O2G ATP I . -29.36 11.80 3.43
O3G ATP I . -29.73 12.96 1.21
PB ATP I . -26.37 11.77 2.99
O1B ATP I . -26.50 10.27 2.94
O2B ATP I . -26.56 12.48 4.32
O3B ATP I . -27.45 12.42 1.97
PA ATP I . -24.49 13.06 1.13
O1A ATP I . -25.57 13.00 0.06
O2A ATP I . -23.09 12.64 0.75
O3A ATP I . -24.89 12.16 2.44
O5' ATP I . -24.46 14.58 1.69
C5' ATP I . -25.64 15.40 1.72
C4' ATP I . -25.40 16.80 1.15
O4' ATP I . -24.16 17.36 1.60
C3' ATP I . -25.35 16.85 -0.39
O3' ATP I . -26.63 17.09 -0.98
C2' ATP I . -24.40 17.99 -0.69
O2' ATP I . -25.13 19.23 -0.87
C1' ATP I . -23.50 18.08 0.53
N9 ATP I . -22.22 17.42 0.19
C8 ATP I . -21.95 16.10 0.34
N7 ATP I . -20.69 15.80 -0.08
C5 ATP I . -20.13 16.94 -0.51
C6 ATP I . -18.82 17.32 -1.09
N6 ATP I . -17.87 16.36 -1.26
N1 ATP I . -18.62 18.62 -1.41
C2 ATP I . -19.58 19.54 -1.23
N3 ATP I . -20.80 19.27 -0.71
C4 ATP I . -21.13 18.00 -0.34
MG MG J . -27.85 12.43 -0.12
C1 SGM K . -8.90 -4.34 -2.43
C2 SGM K . -7.40 -4.42 -2.73
O2 SGM K . -6.70 -4.92 -1.59
C3 SGM K . -6.87 -3.03 -3.09
O3 SGM K . -5.44 -3.06 -3.16
S1 SGM K . -9.54 -5.79 -1.55
#